data_6A0F
#
_entry.id   6A0F
#
_cell.length_a   84.045
_cell.length_b   85.749
_cell.length_c   88.297
_cell.angle_alpha   90.00
_cell.angle_beta   90.00
_cell.angle_gamma   90.00
#
_symmetry.space_group_name_H-M   'P 21 21 21'
#
loop_
_entity.id
_entity.type
_entity.pdbx_description
1 polymer 'Protein N-terminal asparagine amidohydrolase'
2 polymer '5-mer peptide Asn-Phe-Ala-Ala-Arg'
3 non-polymer GLYCEROL
4 non-polymer 'PHOSPHATE ION'
5 water water
#
loop_
_entity_poly.entity_id
_entity_poly.type
_entity_poly.pdbx_seq_one_letter_code
_entity_poly.pdbx_strand_id
1 'polypeptide(L)'
;MPLLVEGRRVRLPQSAGDLVRAHPPLEERARLLRGQSVQQVGPQGLLYVQQRELAVTSPKDGSISILGSDDATTSHIVVL
RHTGNGATCLTHCDGTDTKAEVPLIMNSIKSFSDHAQCGRLEVHLVGGFSDDRQLSQKLTHQLLSEFDRQEDDIHLVTLC
VTELNDREENENHFPVIYGIAVNIKTAEIYRASFQDRGPEEQLRAARTLAGGPMISIYDAETEQLRIGPYSWTPFPHVDF
WLHQDDKQILENLSTSPLAEPPHFVEHIRSTLMFLKKHPSPAHTLFSGNKALLYKKNEDGLWEKISSPGSLEHHHHHH
;
A,B
2 'polypeptide(L)' NFAAR C,D
#
loop_
_chem_comp.id
_chem_comp.type
_chem_comp.name
_chem_comp.formula
GOL non-polymer GLYCEROL 'C3 H8 O3'
PO4 non-polymer 'PHOSPHATE ION' 'O4 P -3'
#
# COMPACT_ATOMS: atom_id res chain seq x y z
N PRO A 2 9.25 -14.68 10.98
CA PRO A 2 10.23 -14.36 12.02
C PRO A 2 11.47 -13.65 11.47
N LEU A 3 12.34 -13.21 12.37
CA LEU A 3 13.59 -12.55 11.98
C LEU A 3 14.71 -13.59 11.99
N LEU A 4 15.39 -13.73 10.86
CA LEU A 4 16.43 -14.73 10.68
C LEU A 4 17.78 -14.06 10.51
N VAL A 5 18.81 -14.73 11.04
CA VAL A 5 20.20 -14.31 10.84
C VAL A 5 21.03 -15.57 10.63
N GLU A 6 21.75 -15.63 9.51
CA GLU A 6 22.53 -16.81 9.12
C GLU A 6 21.65 -18.06 9.06
N GLY A 7 20.37 -17.88 8.72
CA GLY A 7 19.44 -18.98 8.58
C GLY A 7 18.70 -19.37 9.85
N ARG A 8 19.14 -18.90 11.01
CA ARG A 8 18.55 -19.29 12.28
C ARG A 8 17.79 -18.11 12.89
N ARG A 9 16.79 -18.43 13.69
CA ARG A 9 15.94 -17.40 14.30
C ARG A 9 16.71 -16.62 15.34
N VAL A 10 16.43 -15.32 15.41
CA VAL A 10 17.09 -14.42 16.37
C VAL A 10 16.35 -14.50 17.69
N ARG A 11 17.09 -14.76 18.77
CA ARG A 11 16.51 -14.80 20.10
C ARG A 11 16.43 -13.39 20.68
N LEU A 12 15.24 -13.02 21.17
CA LEU A 12 14.99 -11.71 21.72
C LEU A 12 14.49 -11.83 23.16
N PRO A 13 14.83 -10.88 24.04
CA PRO A 13 15.61 -9.66 23.75
C PRO A 13 17.12 -9.90 23.68
N GLN A 14 17.81 -9.04 22.93
CA GLN A 14 19.25 -9.16 22.76
C GLN A 14 19.76 -7.84 22.20
N SER A 15 20.91 -7.39 22.70
CA SER A 15 21.52 -6.17 22.19
C SER A 15 22.07 -6.39 20.80
N ALA A 16 22.02 -5.34 19.98
CA ALA A 16 22.53 -5.43 18.62
C ALA A 16 24.04 -5.64 18.60
N GLY A 17 24.74 -5.17 19.64
CA GLY A 17 26.16 -5.43 19.74
C GLY A 17 26.47 -6.90 19.90
N ASP A 18 25.71 -7.58 20.77
CA ASP A 18 25.90 -9.02 20.95
C ASP A 18 25.43 -9.80 19.72
N LEU A 19 24.36 -9.33 19.07
CA LEU A 19 23.89 -9.97 17.85
C LEU A 19 24.92 -9.87 16.75
N VAL A 20 25.56 -8.71 16.61
CA VAL A 20 26.56 -8.51 15.57
C VAL A 20 27.84 -9.27 15.91
N ARG A 21 28.20 -9.31 17.19
CA ARG A 21 29.43 -9.97 17.59
C ARG A 21 29.36 -11.49 17.40
N ALA A 22 28.16 -12.06 17.47
CA ALA A 22 27.99 -13.50 17.36
C ALA A 22 27.83 -13.98 15.93
N HIS A 23 27.67 -13.09 14.96
CA HIS A 23 27.45 -13.46 13.56
C HIS A 23 28.44 -12.71 12.68
N PRO A 24 29.44 -13.38 12.13
CA PRO A 24 30.49 -12.70 11.36
C PRO A 24 29.97 -11.90 10.18
N PRO A 25 28.98 -12.41 9.41
CA PRO A 25 28.47 -11.58 8.31
C PRO A 25 27.90 -10.25 8.76
N LEU A 26 27.27 -10.20 9.93
CA LEU A 26 26.77 -8.93 10.45
C LEU A 26 27.92 -8.02 10.86
N GLU A 27 28.96 -8.59 11.47
CA GLU A 27 30.12 -7.79 11.87
C GLU A 27 30.85 -7.22 10.65
N GLU A 28 31.02 -8.05 9.62
CA GLU A 28 31.70 -7.58 8.41
C GLU A 28 30.94 -6.43 7.76
N ARG A 29 29.61 -6.54 7.67
CA ARG A 29 28.81 -5.47 7.08
C ARG A 29 28.96 -4.17 7.86
N ALA A 30 29.02 -4.26 9.19
CA ALA A 30 29.15 -3.05 10.00
C ALA A 30 30.50 -2.39 9.80
N ARG A 31 31.57 -3.19 9.64
CA ARG A 31 32.89 -2.62 9.43
C ARG A 31 32.97 -1.87 8.11
N LEU A 32 32.42 -2.44 7.05
CA LEU A 32 32.45 -1.79 5.74
C LEU A 32 31.65 -0.50 5.75
N LEU A 33 30.42 -0.55 6.29
CA LEU A 33 29.56 0.62 6.29
C LEU A 33 30.17 1.77 7.10
N ARG A 34 30.73 1.46 8.27
CA ARG A 34 31.32 2.51 9.10
C ARG A 34 32.58 3.09 8.48
N GLY A 35 33.36 2.26 7.77
CA GLY A 35 34.61 2.71 7.19
C GLY A 35 34.48 3.52 5.91
N GLN A 36 33.27 3.65 5.37
CA GLN A 36 33.07 4.40 4.13
C GLN A 36 33.15 5.90 4.39
N SER A 37 33.61 6.62 3.37
CA SER A 37 33.47 8.07 3.37
C SER A 37 32.04 8.44 3.00
N VAL A 38 31.57 9.55 3.56
CA VAL A 38 30.22 10.03 3.28
C VAL A 38 30.17 10.50 1.83
N GLN A 39 29.28 9.90 1.03
CA GLN A 39 29.13 10.25 -0.37
C GLN A 39 28.10 11.38 -0.51
N GLN A 40 28.49 12.45 -1.21
CA GLN A 40 27.58 13.55 -1.47
C GLN A 40 26.72 13.20 -2.68
N VAL A 41 25.51 12.74 -2.42
CA VAL A 41 24.62 12.24 -3.47
C VAL A 41 23.82 13.41 -4.03
N GLY A 42 23.85 13.56 -5.35
CA GLY A 42 23.12 14.62 -6.01
C GLY A 42 21.64 14.32 -6.11
N PRO A 43 20.91 15.27 -6.72
CA PRO A 43 19.45 15.14 -6.79
C PRO A 43 18.94 14.29 -7.95
N GLN A 44 19.82 13.86 -8.86
CA GLN A 44 19.37 13.12 -10.04
C GLN A 44 18.85 11.75 -9.63
N GLY A 45 17.60 11.46 -10.01
CA GLY A 45 16.98 10.19 -9.67
C GLY A 45 16.90 9.90 -8.19
N LEU A 46 16.95 10.92 -7.35
CA LEU A 46 16.98 10.76 -5.90
C LEU A 46 15.60 10.99 -5.32
N LEU A 47 15.21 10.11 -4.40
CA LEU A 47 13.99 10.28 -3.61
C LEU A 47 14.42 10.36 -2.14
N TYR A 48 14.48 11.58 -1.62
CA TYR A 48 14.89 11.79 -0.24
C TYR A 48 13.70 11.54 0.69
N VAL A 49 13.94 10.77 1.76
CA VAL A 49 12.91 10.41 2.72
C VAL A 49 13.21 11.15 4.02
N GLN A 50 12.26 11.96 4.47
CA GLN A 50 12.41 12.69 5.71
C GLN A 50 12.11 11.79 6.90
N GLN A 51 12.31 12.32 8.11
CA GLN A 51 11.97 11.59 9.32
C GLN A 51 10.47 11.28 9.35
N ARG A 52 10.15 10.07 9.78
CA ARG A 52 8.76 9.60 9.86
C ARG A 52 8.09 9.59 8.50
N GLU A 53 8.81 9.16 7.47
CA GLU A 53 8.28 9.03 6.13
C GLU A 53 8.71 7.70 5.53
N LEU A 54 7.97 7.26 4.52
CA LEU A 54 8.19 5.97 3.87
C LEU A 54 8.17 6.16 2.36
N ALA A 55 9.04 5.43 1.67
CA ALA A 55 9.08 5.42 0.22
C ALA A 55 9.43 4.01 -0.25
N VAL A 56 8.69 3.52 -1.24
CA VAL A 56 8.88 2.18 -1.78
C VAL A 56 8.86 2.25 -3.30
N THR A 57 9.77 1.51 -3.93
CA THR A 57 9.82 1.42 -5.39
C THR A 57 10.56 0.14 -5.76
N SER A 58 10.75 -0.05 -7.06
CA SER A 58 11.36 -1.25 -7.62
C SER A 58 12.25 -0.86 -8.79
N PRO A 59 13.18 -1.73 -9.20
CA PRO A 59 14.05 -1.38 -10.34
C PRO A 59 13.29 -1.12 -11.63
N LYS A 60 12.03 -1.55 -11.73
CA LYS A 60 11.22 -1.24 -12.89
C LYS A 60 10.85 0.24 -12.96
N ASP A 61 11.20 1.04 -11.96
CA ASP A 61 10.95 2.47 -11.98
C ASP A 61 11.98 3.16 -12.87
N GLY A 62 11.52 3.95 -13.82
CA GLY A 62 12.38 4.71 -14.69
C GLY A 62 12.70 6.10 -14.20
N SER A 63 12.31 6.46 -12.98
CA SER A 63 12.52 7.79 -12.43
C SER A 63 13.37 7.83 -11.18
N ILE A 64 13.33 6.79 -10.36
CA ILE A 64 14.02 6.78 -9.07
C ILE A 64 15.19 5.82 -9.16
N SER A 65 16.39 6.32 -8.87
CA SER A 65 17.59 5.50 -8.81
C SER A 65 18.09 5.25 -7.40
N ILE A 66 17.89 6.20 -6.49
CA ILE A 66 18.46 6.12 -5.15
C ILE A 66 17.41 6.61 -4.15
N LEU A 67 17.20 5.81 -3.10
CA LEU A 67 16.46 6.25 -1.92
C LEU A 67 17.46 6.62 -0.83
N GLY A 68 17.16 7.70 -0.11
CA GLY A 68 18.09 8.18 0.90
C GLY A 68 17.40 8.93 2.01
N SER A 69 18.07 8.95 3.17
CA SER A 69 17.63 9.71 4.33
C SER A 69 18.86 10.14 5.11
N ASP A 70 18.71 11.19 5.91
CA ASP A 70 19.83 11.76 6.65
C ASP A 70 19.33 12.28 7.99
N ASP A 71 20.25 12.90 8.74
CA ASP A 71 19.93 13.55 10.01
C ASP A 71 19.35 12.57 11.03
N ALA A 72 19.90 11.36 11.06
CA ALA A 72 19.47 10.34 12.01
C ALA A 72 20.39 10.39 13.22
N THR A 73 19.86 10.84 14.36
CA THR A 73 20.61 10.90 15.61
C THR A 73 20.15 9.83 16.60
N THR A 74 18.87 9.83 16.95
CA THR A 74 18.29 8.76 17.76
C THR A 74 17.34 7.87 16.98
N SER A 75 17.04 8.21 15.73
CA SER A 75 16.14 7.44 14.89
C SER A 75 16.91 6.32 14.18
N HIS A 76 16.18 5.48 13.46
CA HIS A 76 16.78 4.40 12.68
C HIS A 76 16.26 4.48 11.25
N ILE A 77 17.16 4.40 10.28
CA ILE A 77 16.81 4.26 8.88
C ILE A 77 16.67 2.76 8.59
N VAL A 78 15.51 2.36 8.08
CA VAL A 78 15.20 0.95 7.84
C VAL A 78 15.01 0.76 6.34
N VAL A 79 15.68 -0.25 5.79
CA VAL A 79 15.57 -0.61 4.38
C VAL A 79 15.11 -2.05 4.30
N LEU A 80 13.93 -2.27 3.73
CA LEU A 80 13.41 -3.60 3.46
C LEU A 80 13.44 -3.82 1.96
N ARG A 81 14.11 -4.88 1.53
CA ARG A 81 14.26 -5.17 0.11
C ARG A 81 13.96 -6.64 -0.15
N HIS A 82 13.16 -6.89 -1.18
CA HIS A 82 12.90 -8.24 -1.68
C HIS A 82 13.85 -8.49 -2.84
N THR A 83 14.86 -9.35 -2.62
CA THR A 83 15.79 -9.67 -3.68
C THR A 83 15.08 -10.36 -4.84
N GLY A 84 15.66 -10.25 -6.03
CA GLY A 84 15.00 -10.75 -7.22
C GLY A 84 14.19 -9.67 -7.90
N ASN A 85 12.95 -9.46 -7.44
CA ASN A 85 12.12 -8.41 -8.01
C ASN A 85 12.63 -7.02 -7.66
N GLY A 86 13.38 -6.89 -6.57
CA GLY A 86 14.02 -5.64 -6.22
C GLY A 86 13.13 -4.62 -5.56
N ALA A 87 11.95 -5.00 -5.10
CA ALA A 87 11.08 -4.06 -4.39
C ALA A 87 11.81 -3.56 -3.14
N THR A 88 12.03 -2.25 -3.08
CA THR A 88 12.84 -1.64 -2.04
C THR A 88 12.05 -0.55 -1.33
N CYS A 89 12.04 -0.60 0.00
CA CYS A 89 11.34 0.38 0.82
C CYS A 89 12.30 0.93 1.86
N LEU A 90 12.43 2.26 1.88
CA LEU A 90 13.27 2.96 2.85
C LEU A 90 12.38 3.81 3.75
N THR A 91 12.52 3.64 5.06
CA THR A 91 11.79 4.43 6.03
C THR A 91 12.74 5.00 7.06
N HIS A 92 12.35 6.12 7.65
CA HIS A 92 13.10 6.80 8.70
C HIS A 92 12.24 6.74 9.98
N CYS A 93 12.41 5.66 10.74
CA CYS A 93 11.62 5.42 11.93
C CYS A 93 12.23 6.12 13.14
N ASP A 94 11.36 6.76 13.94
CA ASP A 94 11.81 7.52 15.11
C ASP A 94 11.16 7.03 16.40
N GLY A 95 10.61 5.81 16.42
CA GLY A 95 10.03 5.28 17.62
C GLY A 95 8.69 5.86 18.01
N THR A 96 8.03 6.59 17.11
CA THR A 96 6.73 7.16 17.42
C THR A 96 5.67 6.08 17.58
N ASP A 97 5.60 5.15 16.62
CA ASP A 97 4.57 4.10 16.62
C ASP A 97 5.09 2.91 15.80
N THR A 98 6.06 2.20 16.38
CA THR A 98 6.68 1.08 15.67
C THR A 98 5.68 -0.07 15.48
N LYS A 99 4.66 -0.17 16.34
CA LYS A 99 3.67 -1.23 16.16
C LYS A 99 2.89 -1.06 14.86
N ALA A 100 2.73 0.18 14.41
CA ALA A 100 2.02 0.45 13.16
C ALA A 100 2.95 0.68 11.98
N GLU A 101 4.19 1.10 12.22
CA GLU A 101 5.08 1.45 11.13
C GLU A 101 5.66 0.22 10.44
N VAL A 102 5.97 -0.82 11.21
CA VAL A 102 6.54 -2.04 10.64
C VAL A 102 5.52 -2.72 9.72
N PRO A 103 4.24 -2.86 10.10
CA PRO A 103 3.26 -3.37 9.12
C PRO A 103 3.14 -2.50 7.89
N LEU A 104 3.35 -1.19 8.01
CA LEU A 104 3.36 -0.32 6.84
C LEU A 104 4.51 -0.68 5.91
N ILE A 105 5.67 -1.01 6.47
CA ILE A 105 6.81 -1.41 5.66
C ILE A 105 6.54 -2.74 4.98
N MET A 106 5.98 -3.71 5.72
CA MET A 106 5.74 -5.03 5.15
C MET A 106 4.69 -4.98 4.05
N ASN A 107 3.64 -4.19 4.25
CA ASN A 107 2.58 -4.10 3.23
C ASN A 107 3.06 -3.38 1.99
N SER A 108 4.00 -2.45 2.12
CA SER A 108 4.54 -1.77 0.96
C SER A 108 5.33 -2.72 0.06
N ILE A 109 5.94 -3.75 0.64
CA ILE A 109 6.71 -4.72 -0.13
C ILE A 109 5.86 -5.90 -0.56
N LYS A 110 4.98 -6.38 0.33
CA LYS A 110 4.16 -7.55 0.02
C LYS A 110 3.19 -7.30 -1.12
N SER A 111 2.86 -6.03 -1.41
CA SER A 111 1.96 -5.73 -2.51
C SER A 111 2.56 -6.07 -3.87
N PHE A 112 3.88 -6.21 -3.95
CA PHE A 112 4.55 -6.55 -5.20
C PHE A 112 4.46 -8.06 -5.41
N SER A 113 3.62 -8.48 -6.36
CA SER A 113 3.40 -9.91 -6.59
C SER A 113 4.55 -10.54 -7.36
N ASP A 114 5.11 -9.81 -8.32
CA ASP A 114 6.16 -10.35 -9.18
C ASP A 114 7.49 -10.47 -8.44
N GLN A 117 8.62 -16.67 -4.59
CA GLN A 117 9.45 -17.65 -5.29
C GLN A 117 10.91 -17.24 -5.29
N CYS A 118 11.29 -16.40 -6.25
CA CYS A 118 12.68 -15.97 -6.38
C CYS A 118 13.01 -14.92 -5.32
N GLY A 119 14.18 -15.08 -4.71
CA GLY A 119 14.66 -14.09 -3.76
C GLY A 119 14.12 -14.29 -2.36
N ARG A 120 14.51 -13.38 -1.48
CA ARG A 120 14.12 -13.42 -0.08
C ARG A 120 13.96 -12.00 0.44
N LEU A 121 13.42 -11.87 1.64
CA LEU A 121 13.24 -10.59 2.28
C LEU A 121 14.47 -10.26 3.14
N GLU A 122 15.09 -9.12 2.87
CA GLU A 122 16.26 -8.67 3.60
C GLU A 122 15.98 -7.31 4.21
N VAL A 123 16.37 -7.13 5.48
CA VAL A 123 16.13 -5.89 6.21
C VAL A 123 17.46 -5.32 6.65
N HIS A 124 17.55 -4.00 6.66
CA HIS A 124 18.77 -3.29 7.04
C HIS A 124 18.41 -2.19 8.04
N LEU A 125 19.13 -2.17 9.17
CA LEU A 125 18.87 -1.22 10.24
C LEU A 125 20.15 -0.43 10.52
N VAL A 126 20.09 0.88 10.36
CA VAL A 126 21.24 1.76 10.56
C VAL A 126 20.76 3.02 11.28
N GLY A 127 21.56 3.51 12.21
CA GLY A 127 21.32 4.79 12.86
C GLY A 127 21.34 4.68 14.36
N GLY A 128 21.43 5.86 14.99
CA GLY A 128 21.44 5.94 16.44
C GLY A 128 22.83 5.95 17.02
N PHE A 129 22.87 6.12 18.34
CA PHE A 129 24.11 6.08 19.11
C PHE A 129 23.75 5.82 20.57
N SER A 130 24.75 5.90 21.44
CA SER A 130 24.55 5.65 22.87
C SER A 130 24.09 6.95 23.55
N ASP A 131 22.83 7.31 23.28
CA ASP A 131 22.24 8.50 23.87
C ASP A 131 21.79 8.23 25.29
N ASP A 132 21.92 9.24 26.15
CA ASP A 132 21.61 9.07 27.56
C ASP A 132 20.12 8.89 27.84
N ARG A 133 19.26 9.15 26.86
CA ARG A 133 17.84 8.92 27.01
C ARG A 133 17.41 7.53 26.53
N GLN A 134 18.35 6.73 26.04
CA GLN A 134 18.12 5.35 25.64
C GLN A 134 17.10 5.20 24.52
N LEU A 135 16.90 6.26 23.72
CA LEU A 135 15.91 6.21 22.67
C LEU A 135 16.34 5.28 21.54
N SER A 136 17.64 5.25 21.22
CA SER A 136 18.11 4.41 20.13
C SER A 136 18.00 2.93 20.49
N GLN A 137 18.33 2.58 21.72
CA GLN A 137 18.25 1.18 22.14
C GLN A 137 16.82 0.68 22.16
N LYS A 138 15.88 1.54 22.56
CA LYS A 138 14.49 1.12 22.61
C LYS A 138 13.90 0.97 21.21
N LEU A 139 14.33 1.81 20.27
CA LEU A 139 13.89 1.66 18.88
C LEU A 139 14.42 0.37 18.26
N THR A 140 15.68 0.02 18.56
CA THR A 140 16.23 -1.25 18.11
C THR A 140 15.42 -2.42 18.67
N HIS A 141 15.15 -2.39 19.98
CA HIS A 141 14.35 -3.43 20.61
C HIS A 141 12.96 -3.52 19.97
N GLN A 142 12.35 -2.37 19.70
CA GLN A 142 11.00 -2.36 19.14
C GLN A 142 11.00 -2.86 17.70
N LEU A 143 11.94 -2.37 16.89
CA LEU A 143 11.98 -2.74 15.47
C LEU A 143 12.26 -4.22 15.30
N LEU A 144 13.24 -4.75 16.03
CA LEU A 144 13.57 -6.17 15.92
C LEU A 144 12.43 -7.05 16.43
N SER A 145 11.70 -6.59 17.45
CA SER A 145 10.61 -7.39 17.98
C SER A 145 9.45 -7.48 17.01
N GLU A 146 9.10 -6.38 16.36
CA GLU A 146 7.95 -6.38 15.45
C GLU A 146 8.28 -7.06 14.13
N PHE A 147 9.53 -6.98 13.66
CA PHE A 147 9.92 -7.73 12.48
C PHE A 147 9.90 -9.24 12.76
N ASP A 148 10.27 -9.64 13.98
CA ASP A 148 10.24 -11.05 14.35
C ASP A 148 8.83 -11.58 14.52
N ARG A 149 7.86 -10.71 14.82
CA ARG A 149 6.48 -11.14 14.99
C ARG A 149 5.78 -11.39 13.66
N GLN A 150 6.34 -10.91 12.55
CA GLN A 150 5.75 -11.16 11.25
C GLN A 150 5.86 -12.64 10.90
N GLU A 151 4.91 -13.11 10.09
CA GLU A 151 4.92 -14.52 9.69
C GLU A 151 5.88 -14.79 8.55
N ASP A 152 6.24 -13.78 7.76
CA ASP A 152 7.19 -13.96 6.68
C ASP A 152 8.62 -14.05 7.23
N ASP A 153 9.46 -14.77 6.50
CA ASP A 153 10.87 -14.90 6.88
C ASP A 153 11.63 -13.66 6.45
N ILE A 154 12.14 -12.91 7.42
CA ILE A 154 12.90 -11.68 7.18
C ILE A 154 14.33 -11.92 7.62
N HIS A 155 15.27 -11.76 6.70
CA HIS A 155 16.68 -12.03 6.95
C HIS A 155 17.39 -10.73 7.26
N LEU A 156 17.92 -10.60 8.46
CA LEU A 156 18.65 -9.41 8.88
C LEU A 156 20.05 -9.43 8.27
N VAL A 157 20.34 -8.45 7.41
CA VAL A 157 21.59 -8.40 6.67
C VAL A 157 22.50 -7.27 7.16
N THR A 158 21.92 -6.13 7.55
CA THR A 158 22.68 -5.00 8.03
C THR A 158 22.14 -4.55 9.38
N LEU A 159 23.03 -4.36 10.34
CA LEU A 159 22.64 -3.93 11.69
C LEU A 159 23.79 -3.08 12.24
N CYS A 160 23.66 -1.76 12.12
CA CYS A 160 24.66 -0.80 12.57
C CYS A 160 23.93 0.29 13.35
N VAL A 161 23.54 -0.03 14.58
CA VAL A 161 22.72 0.85 15.40
C VAL A 161 23.35 1.00 16.78
N THR A 162 22.97 2.10 17.44
CA THR A 162 23.28 2.40 18.86
C THR A 162 24.80 2.26 19.07
N GLU A 163 25.25 1.40 19.99
CA GLU A 163 26.67 1.33 20.34
C GLU A 163 27.54 0.96 19.15
N LEU A 164 26.96 0.29 18.14
CA LEU A 164 27.72 0.00 16.94
C LEU A 164 27.91 1.23 16.06
N ASN A 165 27.11 2.28 16.27
CA ASN A 165 27.15 3.48 15.46
C ASN A 165 27.55 4.70 16.28
N ASP A 166 28.32 4.49 17.35
CA ASP A 166 28.62 5.52 18.33
C ASP A 166 30.09 5.92 18.25
N ARG A 167 30.33 7.22 18.16
CA ARG A 167 31.68 7.78 18.28
C ARG A 167 31.68 8.83 19.38
N GLU A 168 32.87 9.20 19.83
CA GLU A 168 33.04 10.13 20.94
C GLU A 168 34.02 11.22 20.58
N GLU A 169 33.72 12.45 21.00
CA GLU A 169 34.63 13.60 20.83
C GLU A 169 34.59 14.44 22.09
N ASN A 170 35.72 14.52 22.79
CA ASN A 170 35.83 15.08 24.14
C ASN A 170 34.57 14.82 24.97
N GLU A 171 34.33 13.54 25.24
CA GLU A 171 33.30 13.05 26.17
C GLU A 171 31.86 13.34 25.69
N ASN A 172 31.69 13.69 24.42
CA ASN A 172 30.38 13.88 23.83
C ASN A 172 30.17 12.81 22.77
N HIS A 173 29.08 12.05 22.90
CA HIS A 173 28.78 10.94 22.01
C HIS A 173 27.76 11.37 20.96
N PHE A 174 27.98 10.92 19.73
CA PHE A 174 27.11 11.24 18.61
C PHE A 174 27.31 10.18 17.54
N PRO A 175 26.35 10.03 16.62
CA PRO A 175 26.42 8.92 15.66
C PRO A 175 27.60 9.04 14.70
N VAL A 176 28.04 7.89 14.21
CA VAL A 176 29.00 7.86 13.10
C VAL A 176 28.27 8.05 11.77
N ILE A 177 27.26 7.22 11.52
CA ILE A 177 26.48 7.26 10.29
C ILE A 177 25.22 8.08 10.58
N TYR A 178 25.13 9.25 9.95
CA TYR A 178 23.93 10.08 10.05
C TYR A 178 22.91 9.76 8.96
N GLY A 179 23.35 9.24 7.83
CA GLY A 179 22.43 8.93 6.74
C GLY A 179 23.04 7.95 5.77
N ILE A 180 22.16 7.28 5.02
CA ILE A 180 22.57 6.27 4.04
C ILE A 180 21.75 6.46 2.77
N ALA A 181 22.25 5.86 1.70
CA ALA A 181 21.54 5.80 0.43
C ALA A 181 21.54 4.36 -0.07
N VAL A 182 20.49 3.99 -0.79
CA VAL A 182 20.36 2.64 -1.35
C VAL A 182 20.11 2.76 -2.84
N ASN A 183 20.94 2.07 -3.63
CA ASN A 183 20.77 2.01 -5.07
C ASN A 183 19.70 0.98 -5.40
N ILE A 184 18.63 1.43 -6.08
CA ILE A 184 17.50 0.54 -6.34
C ILE A 184 17.92 -0.64 -7.23
N LYS A 185 18.83 -0.41 -8.17
CA LYS A 185 19.12 -1.45 -9.16
C LYS A 185 20.17 -2.44 -8.64
N THR A 186 21.17 -1.96 -7.89
CA THR A 186 22.23 -2.83 -7.42
C THR A 186 22.14 -3.18 -5.94
N ALA A 187 21.12 -2.69 -5.23
CA ALA A 187 20.89 -3.01 -3.81
C ALA A 187 22.04 -2.58 -2.91
N GLU A 188 22.89 -1.67 -3.37
CA GLU A 188 24.04 -1.23 -2.58
C GLU A 188 23.62 -0.16 -1.59
N ILE A 189 24.06 -0.31 -0.35
CA ILE A 189 23.81 0.64 0.72
C ILE A 189 25.13 1.26 1.14
N TYR A 190 25.14 2.58 1.31
CA TYR A 190 26.37 3.28 1.64
C TYR A 190 26.05 4.59 2.35
N ARG A 191 27.03 5.05 3.14
CA ARG A 191 26.90 6.34 3.81
C ARG A 191 26.73 7.45 2.77
N ALA A 192 25.84 8.39 3.07
CA ALA A 192 25.54 9.44 2.10
C ALA A 192 25.05 10.69 2.81
N SER A 193 25.36 11.84 2.20
CA SER A 193 24.80 13.12 2.58
C SER A 193 24.03 13.68 1.40
N PHE A 194 23.02 14.49 1.69
CA PHE A 194 22.10 14.98 0.67
C PHE A 194 21.93 16.49 0.82
N GLN A 195 22.47 17.24 -0.16
CA GLN A 195 22.31 18.69 -0.16
C GLN A 195 20.97 19.11 -0.74
N ASP A 196 20.39 18.30 -1.63
CA ASP A 196 19.10 18.56 -2.23
C ASP A 196 18.12 17.52 -1.70
N ARG A 197 17.11 17.97 -0.96
CA ARG A 197 16.21 17.09 -0.25
C ARG A 197 14.77 17.24 -0.73
N GLY A 198 14.60 17.42 -2.05
CA GLY A 198 13.29 17.39 -2.66
C GLY A 198 12.45 18.61 -2.35
N PRO A 199 11.23 18.64 -2.90
CA PRO A 199 10.35 19.78 -2.70
C PRO A 199 9.53 19.67 -1.42
N GLU A 200 8.98 20.82 -1.02
CA GLU A 200 8.11 20.92 0.15
C GLU A 200 8.80 20.40 1.41
N GLU A 201 10.09 20.73 1.54
CA GLU A 201 10.86 20.24 2.70
C GLU A 201 10.30 20.83 3.99
N GLN A 202 10.06 22.14 4.03
CA GLN A 202 9.56 22.76 5.24
C GLN A 202 8.13 22.34 5.53
N LEU A 203 7.31 22.16 4.51
CA LEU A 203 5.95 21.68 4.71
C LEU A 203 5.94 20.27 5.28
N ARG A 204 6.82 19.41 4.78
CA ARG A 204 6.90 18.05 5.31
C ARG A 204 7.58 18.00 6.67
N ALA A 205 8.57 18.87 6.91
CA ALA A 205 9.17 18.94 8.24
C ALA A 205 8.19 19.48 9.27
N ALA A 206 7.35 20.44 8.87
CA ALA A 206 6.34 20.96 9.79
C ALA A 206 5.30 19.91 10.14
N ARG A 207 4.95 19.06 9.16
CA ARG A 207 4.01 17.98 9.43
C ARG A 207 4.56 17.01 10.46
N THR A 208 5.88 16.78 10.45
CA THR A 208 6.48 15.89 11.43
C THR A 208 6.59 16.56 12.79
N LEU A 209 6.99 17.83 12.82
CA LEU A 209 7.10 18.54 14.09
C LEU A 209 5.74 18.71 14.77
N ALA A 210 4.67 18.85 13.98
CA ALA A 210 3.34 19.01 14.54
C ALA A 210 2.75 17.71 15.09
N GLY A 211 3.41 16.58 14.87
CA GLY A 211 2.96 15.32 15.40
C GLY A 211 2.29 14.38 14.41
N GLY A 212 2.52 14.55 13.12
CA GLY A 212 1.94 13.67 12.12
C GLY A 212 2.54 12.28 12.19
N PRO A 213 1.75 11.28 11.79
CA PRO A 213 2.23 9.89 11.81
C PRO A 213 3.06 9.60 10.55
N MET A 214 3.63 8.39 10.53
CA MET A 214 4.41 7.97 9.37
C MET A 214 3.51 7.80 8.16
N ILE A 215 3.95 8.35 7.01
CA ILE A 215 3.16 8.33 5.79
C ILE A 215 4.02 7.81 4.65
N SER A 216 3.35 7.30 3.62
CA SER A 216 3.98 6.93 2.37
C SER A 216 3.91 8.12 1.41
N ILE A 217 5.06 8.50 0.84
CA ILE A 217 5.17 9.73 0.07
C ILE A 217 5.30 9.49 -1.42
N TYR A 218 5.42 8.25 -1.88
CA TYR A 218 5.68 7.95 -3.28
C TYR A 218 4.71 6.90 -3.80
N ASP A 219 4.21 7.13 -5.02
CA ASP A 219 3.35 6.17 -5.72
C ASP A 219 4.16 5.61 -6.88
N ALA A 220 4.53 4.32 -6.78
CA ALA A 220 5.44 3.73 -7.76
C ALA A 220 4.78 3.53 -9.12
N GLU A 221 3.47 3.25 -9.14
CA GLU A 221 2.81 2.94 -10.40
C GLU A 221 2.80 4.16 -11.33
N THR A 222 2.37 5.32 -10.80
CA THR A 222 2.38 6.55 -11.57
C THR A 222 3.72 7.28 -11.48
N GLU A 223 4.65 6.79 -10.67
CA GLU A 223 5.96 7.43 -10.47
C GLU A 223 5.79 8.88 -10.04
N GLN A 224 4.92 9.08 -9.05
CA GLN A 224 4.56 10.40 -8.57
C GLN A 224 4.95 10.57 -7.11
N LEU A 225 5.53 11.73 -6.80
CA LEU A 225 5.74 12.15 -5.42
C LEU A 225 4.53 12.96 -4.99
N ARG A 226 3.75 12.42 -4.06
CA ARG A 226 2.50 13.04 -3.60
C ARG A 226 2.70 13.57 -2.19
N ILE A 227 2.56 14.89 -2.04
CA ILE A 227 2.77 15.56 -0.76
C ILE A 227 1.43 16.19 -0.37
N GLY A 228 0.73 15.58 0.58
CA GLY A 228 -0.50 16.13 1.09
C GLY A 228 -1.72 15.30 0.72
N PRO A 229 -2.91 15.77 1.14
CA PRO A 229 -3.07 16.97 1.96
C PRO A 229 -2.81 16.69 3.44
N TYR A 230 -2.22 17.67 4.13
CA TYR A 230 -1.88 17.54 5.54
C TYR A 230 -2.79 18.43 6.38
N SER A 231 -3.05 17.99 7.61
CA SER A 231 -3.82 18.77 8.57
C SER A 231 -3.28 18.47 9.96
N TRP A 232 -3.05 19.51 10.75
CA TRP A 232 -2.50 19.34 12.08
C TRP A 232 -3.11 20.37 13.02
N THR A 233 -3.08 20.05 14.32
CA THR A 233 -3.48 21.02 15.32
C THR A 233 -2.42 22.12 15.44
N PRO A 234 -2.82 23.33 15.81
CA PRO A 234 -1.83 24.41 15.99
C PRO A 234 -0.79 24.02 17.02
N PHE A 235 0.48 24.25 16.67
CA PHE A 235 1.57 23.88 17.55
C PHE A 235 1.50 24.70 18.83
N PRO A 236 1.76 24.10 20.00
CA PRO A 236 1.62 24.84 21.26
C PRO A 236 2.80 25.79 21.49
N HIS A 237 2.47 27.07 21.72
CA HIS A 237 3.46 28.10 22.06
C HIS A 237 4.53 28.22 20.99
N VAL A 238 4.10 28.53 19.77
CA VAL A 238 5.04 28.65 18.66
C VAL A 238 5.95 29.85 18.84
N ASP A 239 5.42 30.94 19.40
CA ASP A 239 6.21 32.15 19.54
C ASP A 239 7.11 32.10 20.76
N PHE A 240 6.71 31.36 21.80
CA PHE A 240 7.59 31.16 22.94
C PHE A 240 8.83 30.36 22.53
N TRP A 241 8.63 29.28 21.78
CA TRP A 241 9.76 28.47 21.32
C TRP A 241 10.58 29.22 20.28
N LEU A 242 9.93 30.03 19.43
CA LEU A 242 10.64 30.79 18.41
C LEU A 242 11.50 31.90 19.00
N HIS A 243 11.30 32.25 20.28
CA HIS A 243 12.06 33.31 20.93
C HIS A 243 13.03 32.79 21.99
N GLN A 244 13.12 31.48 22.16
CA GLN A 244 14.15 30.92 23.03
C GLN A 244 15.48 30.86 22.29
N ASP A 245 16.57 30.79 23.06
CA ASP A 245 17.88 30.72 22.44
C ASP A 245 18.13 29.31 21.89
N ASP A 246 19.22 29.17 21.14
CA ASP A 246 19.50 27.90 20.47
C ASP A 246 19.68 26.76 21.45
N LYS A 247 20.18 27.05 22.65
CA LYS A 247 20.34 26.00 23.65
C LYS A 247 18.99 25.52 24.16
N GLN A 248 18.06 26.45 24.38
CA GLN A 248 16.73 26.07 24.85
C GLN A 248 15.97 25.24 23.83
N ILE A 249 16.19 25.49 22.54
CA ILE A 249 15.47 24.78 21.51
C ILE A 249 15.99 23.35 21.37
N LEU A 250 17.31 23.18 21.46
CA LEU A 250 17.89 21.85 21.32
C LEU A 250 17.50 20.93 22.47
N GLU A 251 17.35 21.48 23.68
CA GLU A 251 17.11 20.64 24.85
C GLU A 251 15.68 20.11 24.87
N ASN A 252 14.74 20.83 24.27
CA ASN A 252 13.32 20.48 24.36
C ASN A 252 12.70 20.03 23.05
N LEU A 253 13.13 20.57 21.91
CA LEU A 253 12.57 20.22 20.62
C LEU A 253 13.42 19.21 19.86
N SER A 254 14.52 18.75 20.43
CA SER A 254 15.35 17.72 19.82
C SER A 254 15.50 16.55 20.78
N THR A 255 15.72 15.36 20.20
CA THR A 255 15.89 14.16 21.00
C THR A 255 17.31 14.00 21.53
N SER A 256 18.28 14.68 20.92
CA SER A 256 19.68 14.61 21.35
C SER A 256 20.30 15.99 21.19
N PRO A 257 20.26 16.81 22.24
CA PRO A 257 20.66 18.22 22.09
C PRO A 257 22.10 18.44 21.69
N LEU A 258 23.00 17.48 21.97
CA LEU A 258 24.42 17.66 21.69
C LEU A 258 24.92 16.76 20.57
N ALA A 259 24.02 16.05 19.88
CA ALA A 259 24.41 15.16 18.81
C ALA A 259 23.80 15.52 17.46
N GLU A 260 23.08 16.63 17.37
CA GLU A 260 22.46 17.02 16.12
C GLU A 260 23.50 17.55 15.14
N PRO A 261 23.28 17.40 13.84
CA PRO A 261 24.19 17.99 12.85
C PRO A 261 24.16 19.50 12.91
N PRO A 262 25.18 20.17 12.35
CA PRO A 262 25.17 21.63 12.37
C PRO A 262 23.96 22.21 11.65
N HIS A 263 23.66 23.46 11.98
CA HIS A 263 22.50 24.19 11.44
C HIS A 263 21.18 23.54 11.79
N PHE A 264 21.14 22.74 12.86
CA PHE A 264 19.89 22.10 13.24
C PHE A 264 18.90 23.11 13.81
N VAL A 265 19.40 24.10 14.56
CA VAL A 265 18.51 25.12 15.10
C VAL A 265 18.00 26.03 14.00
N GLU A 266 18.79 26.24 12.94
CA GLU A 266 18.31 27.00 11.79
C GLU A 266 17.11 26.31 11.15
N HIS A 267 17.16 24.97 11.06
CA HIS A 267 16.06 24.22 10.48
C HIS A 267 14.84 24.21 11.39
N ILE A 268 15.06 24.19 12.71
CA ILE A 268 13.94 24.19 13.64
C ILE A 268 13.20 25.52 13.59
N ARG A 269 13.95 26.63 13.66
CA ARG A 269 13.33 27.95 13.62
C ARG A 269 12.57 28.16 12.32
N SER A 270 13.15 27.72 11.20
CA SER A 270 12.44 27.78 9.93
C SER A 270 11.18 26.94 9.98
N THR A 271 11.25 25.75 10.59
CA THR A 271 10.07 24.90 10.70
C THR A 271 9.03 25.50 11.65
N LEU A 272 9.49 26.09 12.76
CA LEU A 272 8.56 26.70 13.71
C LEU A 272 7.86 27.90 13.09
N MET A 273 8.58 28.69 12.28
CA MET A 273 7.96 29.82 11.61
C MET A 273 6.89 29.37 10.62
N PHE A 274 7.08 28.20 10.02
CA PHE A 274 6.08 27.66 9.11
C PHE A 274 4.79 27.30 9.84
N LEU A 275 4.92 26.74 11.05
CA LEU A 275 3.73 26.31 11.78
C LEU A 275 2.90 27.50 12.24
N LYS A 276 3.56 28.60 12.65
CA LYS A 276 2.83 29.80 13.02
C LYS A 276 2.27 30.50 11.79
N LYS A 277 2.92 30.32 10.64
CA LYS A 277 2.40 30.86 9.39
C LYS A 277 1.17 30.10 8.91
N HIS A 278 1.11 28.80 9.16
CA HIS A 278 -0.01 27.96 8.71
C HIS A 278 -0.49 27.08 9.87
N PRO A 279 -1.27 27.65 10.80
CA PRO A 279 -1.87 26.81 11.84
C PRO A 279 -2.96 25.89 11.32
N SER A 280 -3.72 26.32 10.31
CA SER A 280 -4.76 25.52 9.68
C SER A 280 -4.38 25.33 8.22
N PRO A 281 -3.66 24.25 7.89
CA PRO A 281 -3.08 24.14 6.55
C PRO A 281 -3.91 23.35 5.54
N ALA A 282 -4.93 22.63 6.03
CA ALA A 282 -5.63 21.68 5.17
C ALA A 282 -6.33 22.39 4.02
N HIS A 283 -7.11 23.43 4.32
CA HIS A 283 -7.86 24.14 3.29
C HIS A 283 -7.06 25.24 2.60
N THR A 284 -5.80 25.44 2.98
CA THR A 284 -5.02 26.57 2.50
C THR A 284 -3.93 26.16 1.51
N LEU A 285 -3.11 25.17 1.85
CA LEU A 285 -2.01 24.77 0.99
C LEU A 285 -2.39 23.71 -0.03
N PHE A 286 -3.58 23.14 0.06
CA PHE A 286 -4.03 22.07 -0.83
C PHE A 286 -5.37 22.46 -1.43
N SER A 287 -5.35 22.95 -2.66
CA SER A 287 -6.55 23.43 -3.32
C SER A 287 -7.39 22.24 -3.79
N GLY A 288 -8.64 22.20 -3.37
CA GLY A 288 -9.50 21.08 -3.71
C GLY A 288 -9.20 19.81 -2.95
N ASN A 289 -8.49 19.89 -1.83
CA ASN A 289 -8.09 18.74 -1.04
C ASN A 289 -7.31 17.74 -1.88
N LYS A 290 -6.47 18.26 -2.78
CA LYS A 290 -5.65 17.43 -3.66
C LYS A 290 -4.19 17.53 -3.23
N ALA A 291 -3.46 16.44 -3.44
CA ALA A 291 -2.05 16.41 -3.05
C ALA A 291 -1.21 17.20 -4.03
N LEU A 292 -0.07 17.69 -3.54
CA LEU A 292 0.93 18.35 -4.39
C LEU A 292 1.72 17.24 -5.08
N LEU A 293 1.40 16.98 -6.34
CA LEU A 293 2.02 15.89 -7.08
C LEU A 293 3.26 16.37 -7.82
N TYR A 294 4.34 15.60 -7.73
CA TYR A 294 5.59 15.90 -8.41
C TYR A 294 6.01 14.69 -9.23
N LYS A 295 6.71 14.94 -10.33
CA LYS A 295 7.22 13.89 -11.19
C LYS A 295 8.66 14.20 -11.57
N LYS A 296 9.43 13.16 -11.79
CA LYS A 296 10.81 13.32 -12.25
C LYS A 296 10.82 13.80 -13.70
N ASN A 297 11.73 14.71 -14.02
CA ASN A 297 11.82 15.24 -15.36
C ASN A 297 13.06 14.70 -16.08
N GLU A 298 13.34 15.27 -17.25
CA GLU A 298 14.40 14.76 -18.12
C GLU A 298 15.76 14.79 -17.43
N ASP A 299 15.97 15.72 -16.50
CA ASP A 299 17.24 15.87 -15.82
C ASP A 299 17.24 15.25 -14.42
N GLY A 300 16.22 14.46 -14.09
CA GLY A 300 16.17 13.78 -12.81
C GLY A 300 15.74 14.62 -11.64
N LEU A 301 15.21 15.81 -11.88
CA LEU A 301 14.74 16.68 -10.81
C LEU A 301 13.23 16.58 -10.67
N TRP A 302 12.76 16.76 -9.44
CA TRP A 302 11.32 16.78 -9.20
C TRP A 302 10.71 18.05 -9.79
N GLU A 303 9.58 17.89 -10.47
CA GLU A 303 8.87 19.03 -11.05
C GLU A 303 7.38 18.87 -10.79
N LYS A 304 6.72 20.00 -10.52
CA LYS A 304 5.28 19.97 -10.25
C LYS A 304 4.52 19.58 -11.52
N ILE A 305 3.43 18.84 -11.32
CA ILE A 305 2.59 18.41 -12.44
C ILE A 305 1.27 19.16 -12.43
N PRO B 2 -6.54 -6.09 13.45
CA PRO B 2 -7.32 -7.32 13.60
C PRO B 2 -8.74 -7.19 13.04
N LEU B 3 -9.34 -8.32 12.68
CA LEU B 3 -10.72 -8.33 12.21
C LEU B 3 -11.65 -8.30 13.41
N LEU B 4 -12.55 -7.31 13.45
CA LEU B 4 -13.42 -7.08 14.59
C LEU B 4 -14.87 -7.12 14.16
N VAL B 5 -15.69 -7.79 14.96
CA VAL B 5 -17.14 -7.81 14.77
C VAL B 5 -17.78 -7.47 16.11
N GLU B 6 -18.49 -6.35 16.15
CA GLU B 6 -19.12 -5.85 17.38
C GLU B 6 -18.10 -5.68 18.50
N GLY B 7 -16.92 -5.18 18.15
CA GLY B 7 -15.86 -4.97 19.11
C GLY B 7 -15.06 -6.20 19.50
N ARG B 8 -15.51 -7.38 19.12
CA ARG B 8 -14.84 -8.63 19.47
C ARG B 8 -13.95 -9.07 18.32
N ARG B 9 -12.74 -9.51 18.65
CA ARG B 9 -11.82 -10.00 17.63
C ARG B 9 -12.26 -11.38 17.15
N VAL B 10 -12.31 -11.54 15.82
CA VAL B 10 -12.72 -12.81 15.24
C VAL B 10 -11.62 -13.84 15.45
N ARG B 11 -12.00 -15.03 15.92
CA ARG B 11 -11.07 -16.14 16.08
C ARG B 11 -11.27 -17.13 14.93
N LEU B 12 -10.18 -17.44 14.25
CA LEU B 12 -10.18 -18.31 13.09
C LEU B 12 -9.54 -19.66 13.42
N PRO B 13 -9.87 -20.73 12.68
CA PRO B 13 -10.79 -20.78 11.53
C PRO B 13 -12.26 -20.76 11.93
N GLN B 14 -13.09 -20.16 11.07
CA GLN B 14 -14.52 -20.04 11.35
C GLN B 14 -15.27 -19.90 10.04
N SER B 15 -16.37 -20.63 9.91
CA SER B 15 -17.23 -20.46 8.74
C SER B 15 -18.01 -19.16 8.86
N ALA B 16 -18.43 -18.64 7.70
CA ALA B 16 -19.19 -17.39 7.70
C ALA B 16 -20.52 -17.56 8.45
N GLY B 17 -21.20 -18.69 8.25
CA GLY B 17 -22.45 -18.92 8.93
C GLY B 17 -22.32 -18.91 10.44
N ASP B 18 -21.23 -19.48 10.95
CA ASP B 18 -21.00 -19.49 12.39
C ASP B 18 -20.75 -18.09 12.94
N LEU B 19 -20.07 -17.24 12.16
CA LEU B 19 -19.78 -15.89 12.62
C LEU B 19 -21.02 -15.00 12.57
N VAL B 20 -21.85 -15.15 11.54
CA VAL B 20 -23.06 -14.34 11.48
C VAL B 20 -24.12 -14.89 12.43
N ARG B 21 -24.08 -16.18 12.75
CA ARG B 21 -24.98 -16.73 13.77
C ARG B 21 -24.63 -16.23 15.16
N ALA B 22 -23.41 -15.74 15.36
CA ALA B 22 -22.98 -15.18 16.63
C ALA B 22 -23.18 -13.67 16.72
N HIS B 23 -23.62 -13.03 15.65
CA HIS B 23 -23.76 -11.59 15.64
C HIS B 23 -25.02 -11.15 14.89
N PRO B 24 -26.03 -10.64 15.60
CA PRO B 24 -27.28 -10.22 14.94
C PRO B 24 -27.06 -9.15 13.88
N PRO B 25 -26.23 -8.12 14.13
CA PRO B 25 -26.07 -7.10 13.07
C PRO B 25 -25.57 -7.65 11.76
N LEU B 26 -24.67 -8.64 11.78
CA LEU B 26 -24.21 -9.27 10.54
C LEU B 26 -25.35 -10.02 9.87
N GLU B 27 -26.15 -10.74 10.65
CA GLU B 27 -27.30 -11.45 10.08
C GLU B 27 -28.30 -10.48 9.47
N GLU B 28 -28.65 -9.44 10.22
CA GLU B 28 -29.58 -8.42 9.72
C GLU B 28 -29.04 -7.76 8.46
N ARG B 29 -27.73 -7.51 8.42
CA ARG B 29 -27.13 -6.87 7.25
C ARG B 29 -27.22 -7.76 6.01
N ALA B 30 -27.15 -9.08 6.18
CA ALA B 30 -27.15 -9.98 5.03
C ALA B 30 -28.54 -10.11 4.42
N ARG B 31 -29.58 -10.13 5.25
CA ARG B 31 -30.94 -10.27 4.73
C ARG B 31 -31.36 -9.04 3.93
N LEU B 32 -30.96 -7.85 4.39
CA LEU B 32 -31.29 -6.62 3.67
C LEU B 32 -30.67 -6.62 2.28
N LEU B 33 -29.41 -7.01 2.18
CA LEU B 33 -28.70 -6.92 0.91
C LEU B 33 -29.28 -7.90 -0.12
N ARG B 34 -29.60 -9.12 0.32
CA ARG B 34 -30.15 -10.11 -0.61
C ARG B 34 -31.59 -9.78 -1.00
N GLY B 35 -32.36 -9.22 -0.06
CA GLY B 35 -33.74 -8.85 -0.35
C GLY B 35 -33.89 -7.72 -1.34
N GLN B 36 -32.80 -7.07 -1.73
CA GLN B 36 -32.86 -6.00 -2.71
C GLN B 36 -33.03 -6.56 -4.11
N SER B 37 -33.64 -5.77 -4.98
CA SER B 37 -33.69 -6.06 -6.41
C SER B 37 -32.53 -5.36 -7.10
N VAL B 38 -31.92 -6.04 -8.07
CA VAL B 38 -30.73 -5.50 -8.71
C VAL B 38 -31.10 -4.21 -9.44
N GLN B 39 -30.19 -3.25 -9.40
CA GLN B 39 -30.39 -1.91 -9.95
C GLN B 39 -29.50 -1.72 -11.16
N GLN B 40 -30.07 -1.19 -12.24
CA GLN B 40 -29.29 -0.88 -13.44
C GLN B 40 -28.51 0.41 -13.20
N VAL B 41 -27.19 0.31 -13.19
CA VAL B 41 -26.31 1.45 -12.93
C VAL B 41 -25.70 1.89 -14.26
N GLY B 42 -25.91 3.15 -14.61
CA GLY B 42 -25.44 3.68 -15.86
C GLY B 42 -23.99 4.12 -15.80
N PRO B 43 -23.44 4.46 -16.96
CA PRO B 43 -22.01 4.81 -17.04
C PRO B 43 -21.66 6.16 -16.43
N GLN B 44 -22.64 7.02 -16.12
CA GLN B 44 -22.34 8.34 -15.61
C GLN B 44 -21.76 8.24 -14.20
N GLY B 45 -20.56 8.80 -14.02
CA GLY B 45 -19.91 8.85 -12.72
C GLY B 45 -19.57 7.48 -12.15
N LEU B 46 -19.62 6.46 -13.00
CA LEU B 46 -19.38 5.08 -12.58
C LEU B 46 -17.96 4.66 -12.97
N LEU B 47 -17.32 3.92 -12.08
CA LEU B 47 -16.02 3.29 -12.34
C LEU B 47 -16.20 1.79 -12.12
N TYR B 48 -16.28 1.03 -13.20
CA TYR B 48 -16.46 -0.40 -13.11
C TYR B 48 -15.13 -1.10 -12.86
N VAL B 49 -15.19 -2.18 -12.09
CA VAL B 49 -14.00 -2.95 -11.71
C VAL B 49 -14.22 -4.40 -12.14
N GLN B 50 -13.33 -4.91 -12.99
CA GLN B 50 -13.44 -6.29 -13.43
C GLN B 50 -12.80 -7.23 -12.40
N GLN B 51 -12.80 -8.51 -12.72
CA GLN B 51 -12.19 -9.51 -11.85
C GLN B 51 -10.69 -9.27 -11.75
N ARG B 52 -10.17 -9.43 -10.53
CA ARG B 52 -8.74 -9.26 -10.24
C ARG B 52 -8.26 -7.85 -10.55
N GLU B 53 -9.07 -6.86 -10.20
CA GLU B 53 -8.71 -5.46 -10.36
C GLU B 53 -9.10 -4.70 -9.09
N LEU B 54 -8.53 -3.50 -8.95
CA LEU B 54 -8.71 -2.70 -7.75
C LEU B 54 -8.96 -1.25 -8.15
N ALA B 55 -9.77 -0.57 -7.34
CA ALA B 55 -10.02 0.86 -7.52
C ALA B 55 -10.27 1.48 -6.17
N VAL B 56 -9.60 2.60 -5.88
CA VAL B 56 -9.75 3.32 -4.63
C VAL B 56 -10.00 4.79 -4.94
N THR B 57 -10.86 5.43 -4.15
CA THR B 57 -11.22 6.82 -4.38
C THR B 57 -11.76 7.41 -3.07
N SER B 58 -12.27 8.63 -3.14
CA SER B 58 -12.73 9.38 -1.99
C SER B 58 -13.89 10.24 -2.41
N PRO B 59 -14.76 10.66 -1.47
CA PRO B 59 -15.82 11.61 -1.83
C PRO B 59 -15.30 12.91 -2.41
N LYS B 60 -14.05 13.28 -2.11
CA LYS B 60 -13.45 14.47 -2.71
C LYS B 60 -13.19 14.32 -4.20
N ASP B 61 -13.40 13.13 -4.76
CA ASP B 61 -13.22 12.90 -6.18
C ASP B 61 -14.42 13.46 -6.94
N GLY B 62 -14.17 14.45 -7.80
CA GLY B 62 -15.23 15.05 -8.57
C GLY B 62 -15.63 14.33 -9.84
N SER B 63 -14.98 13.20 -10.15
CA SER B 63 -15.24 12.46 -11.38
C SER B 63 -16.05 11.19 -11.15
N ILE B 64 -15.79 10.48 -10.05
CA ILE B 64 -16.41 9.18 -9.79
C ILE B 64 -17.41 9.33 -8.65
N SER B 65 -18.58 8.71 -8.83
CA SER B 65 -19.61 8.68 -7.80
C SER B 65 -19.98 7.27 -7.36
N ILE B 66 -19.76 6.25 -8.20
CA ILE B 66 -20.16 4.89 -7.91
C ILE B 66 -19.04 3.95 -8.33
N LEU B 67 -18.66 3.06 -7.42
CA LEU B 67 -17.78 1.93 -7.73
C LEU B 67 -18.62 0.66 -7.78
N GLY B 68 -18.30 -0.23 -8.70
CA GLY B 68 -19.09 -1.44 -8.85
C GLY B 68 -18.34 -2.52 -9.60
N SER B 69 -18.69 -3.77 -9.27
CA SER B 69 -18.20 -4.95 -9.99
C SER B 69 -19.39 -5.89 -10.19
N ASP B 70 -19.22 -6.86 -11.08
CA ASP B 70 -20.30 -7.78 -11.41
C ASP B 70 -19.71 -9.11 -11.85
N ASP B 71 -20.59 -10.07 -12.13
CA ASP B 71 -20.22 -11.39 -12.66
C ASP B 71 -19.32 -12.16 -11.70
N ALA B 72 -19.67 -12.10 -10.40
CA ALA B 72 -18.94 -12.84 -9.37
C ALA B 72 -19.72 -14.10 -9.02
N THR B 73 -19.12 -15.26 -9.27
CA THR B 73 -19.71 -16.55 -8.95
C THR B 73 -18.98 -17.26 -7.82
N THR B 74 -17.67 -17.45 -7.95
CA THR B 74 -16.85 -17.97 -6.87
C THR B 74 -15.90 -16.95 -6.29
N SER B 75 -15.78 -15.78 -6.91
CA SER B 75 -14.93 -14.72 -6.39
C SER B 75 -15.65 -13.96 -5.28
N HIS B 76 -14.99 -12.94 -4.74
CA HIS B 76 -15.55 -12.12 -3.67
C HIS B 76 -15.32 -10.66 -3.98
N ILE B 77 -16.38 -9.86 -3.94
CA ILE B 77 -16.26 -8.41 -4.08
C ILE B 77 -16.03 -7.83 -2.70
N VAL B 78 -14.89 -7.15 -2.52
CA VAL B 78 -14.48 -6.62 -1.23
C VAL B 78 -14.55 -5.11 -1.28
N VAL B 79 -15.20 -4.52 -0.27
CA VAL B 79 -15.29 -3.07 -0.13
C VAL B 79 -14.69 -2.69 1.21
N LEU B 80 -13.63 -1.90 1.18
CA LEU B 80 -13.01 -1.35 2.38
C LEU B 80 -13.20 0.15 2.39
N ARG B 81 -13.74 0.67 3.49
CA ARG B 81 -14.08 2.08 3.57
C ARG B 81 -13.63 2.65 4.90
N HIS B 82 -12.98 3.81 4.86
CA HIS B 82 -12.67 4.59 6.05
C HIS B 82 -13.78 5.61 6.23
N THR B 83 -14.62 5.41 7.26
CA THR B 83 -15.73 6.32 7.49
C THR B 83 -15.20 7.71 7.89
N GLY B 84 -16.07 8.70 7.74
CA GLY B 84 -15.69 10.08 8.00
C GLY B 84 -15.06 10.73 6.79
N ASN B 85 -13.79 10.42 6.51
CA ASN B 85 -13.14 10.96 5.32
C ASN B 85 -13.67 10.30 4.05
N GLY B 86 -14.09 9.05 4.12
CA GLY B 86 -14.80 8.41 3.03
C GLY B 86 -13.96 7.65 2.03
N ALA B 87 -12.67 7.47 2.29
CA ALA B 87 -11.83 6.71 1.37
C ALA B 87 -12.39 5.31 1.17
N THR B 88 -12.71 4.97 -0.09
CA THR B 88 -13.39 3.73 -0.41
C THR B 88 -12.59 2.96 -1.44
N CYS B 89 -12.48 1.65 -1.23
CA CYS B 89 -11.74 0.77 -2.12
C CYS B 89 -12.60 -0.44 -2.46
N LEU B 90 -12.73 -0.73 -3.75
CA LEU B 90 -13.49 -1.89 -4.23
C LEU B 90 -12.56 -2.81 -5.01
N THR B 91 -12.57 -4.08 -4.65
CA THR B 91 -11.73 -5.08 -5.29
C THR B 91 -12.57 -6.31 -5.62
N HIS B 92 -12.21 -6.97 -6.72
CA HIS B 92 -12.85 -8.22 -7.15
C HIS B 92 -11.80 -9.33 -7.03
N CYS B 93 -11.71 -9.92 -5.84
CA CYS B 93 -10.70 -10.92 -5.54
C CYS B 93 -11.19 -12.30 -5.94
N ASP B 94 -10.33 -13.04 -6.66
CA ASP B 94 -10.66 -14.39 -7.10
C ASP B 94 -9.77 -15.46 -6.48
N GLY B 95 -9.01 -15.12 -5.44
CA GLY B 95 -8.14 -16.08 -4.81
C GLY B 95 -6.82 -16.32 -5.50
N THR B 96 -6.41 -15.41 -6.39
CA THR B 96 -5.15 -15.58 -7.10
C THR B 96 -3.97 -15.47 -6.15
N ASP B 97 -3.88 -14.37 -5.41
CA ASP B 97 -2.79 -14.13 -4.48
C ASP B 97 -3.32 -13.25 -3.34
N THR B 98 -4.16 -13.85 -2.48
CA THR B 98 -4.78 -13.10 -1.40
C THR B 98 -3.74 -12.49 -0.46
N LYS B 99 -2.62 -13.19 -0.25
CA LYS B 99 -1.59 -12.66 0.64
C LYS B 99 -0.91 -11.42 0.09
N ALA B 100 -1.05 -11.14 -1.21
CA ALA B 100 -0.52 -9.93 -1.82
C ALA B 100 -1.59 -8.88 -2.12
N GLU B 101 -2.84 -9.30 -2.33
CA GLU B 101 -3.90 -8.35 -2.67
C GLU B 101 -4.39 -7.59 -1.45
N VAL B 102 -4.48 -8.26 -0.30
CA VAL B 102 -4.90 -7.57 0.93
C VAL B 102 -3.93 -6.45 1.31
N PRO B 103 -2.61 -6.65 1.29
CA PRO B 103 -1.72 -5.49 1.49
C PRO B 103 -1.91 -4.41 0.43
N LEU B 104 -2.23 -4.79 -0.81
CA LEU B 104 -2.51 -3.78 -1.83
C LEU B 104 -3.76 -2.98 -1.48
N ILE B 105 -4.76 -3.63 -0.90
CA ILE B 105 -5.96 -2.92 -0.46
C ILE B 105 -5.61 -1.95 0.67
N MET B 106 -4.81 -2.41 1.64
CA MET B 106 -4.43 -1.54 2.76
C MET B 106 -3.56 -0.39 2.29
N ASN B 107 -2.68 -0.65 1.32
CA ASN B 107 -1.84 0.43 0.79
C ASN B 107 -2.68 1.48 0.07
N SER B 108 -3.75 1.06 -0.61
CA SER B 108 -4.57 2.00 -1.35
C SER B 108 -5.41 2.86 -0.41
N ILE B 109 -5.94 2.26 0.66
CA ILE B 109 -6.77 3.02 1.59
C ILE B 109 -5.93 3.98 2.41
N LYS B 110 -4.76 3.52 2.89
CA LYS B 110 -3.89 4.36 3.69
C LYS B 110 -3.18 5.43 2.86
N SER B 111 -3.20 5.32 1.53
CA SER B 111 -2.63 6.35 0.68
C SER B 111 -3.42 7.66 0.74
N PHE B 112 -4.63 7.64 1.30
CA PHE B 112 -5.39 8.85 1.59
C PHE B 112 -4.98 9.31 2.98
N SER B 113 -3.97 10.18 3.02
CA SER B 113 -3.22 10.44 4.25
C SER B 113 -4.07 11.10 5.34
N ASP B 114 -5.20 11.69 5.00
CA ASP B 114 -5.89 12.54 5.95
C ASP B 114 -6.93 11.79 6.76
N HIS B 115 -7.14 12.27 7.99
CA HIS B 115 -8.24 11.86 8.87
C HIS B 115 -8.21 10.36 9.15
N ALA B 116 -7.02 9.88 9.55
CA ALA B 116 -6.94 8.56 10.17
C ALA B 116 -7.50 8.57 11.58
N GLN B 117 -7.62 9.76 12.19
CA GLN B 117 -8.15 9.88 13.54
C GLN B 117 -9.67 9.79 13.57
N CYS B 118 -10.33 10.18 12.49
CA CYS B 118 -11.79 10.25 12.44
C CYS B 118 -12.36 8.98 11.81
N GLY B 119 -13.50 8.54 12.33
CA GLY B 119 -14.12 7.35 11.78
C GLY B 119 -13.32 6.10 12.06
N ARG B 120 -13.62 5.07 11.29
CA ARG B 120 -12.99 3.76 11.46
C ARG B 120 -12.93 3.05 10.12
N LEU B 121 -12.24 1.91 10.11
CA LEU B 121 -12.15 1.08 8.92
C LEU B 121 -13.24 0.02 8.95
N GLU B 122 -14.03 -0.04 7.88
CA GLU B 122 -15.10 -1.02 7.75
C GLU B 122 -14.92 -1.80 6.45
N VAL B 123 -15.10 -3.12 6.52
CA VAL B 123 -14.88 -4.00 5.39
C VAL B 123 -16.17 -4.76 5.09
N HIS B 124 -16.45 -4.95 3.80
CA HIS B 124 -17.63 -5.66 3.34
C HIS B 124 -17.19 -6.79 2.43
N LEU B 125 -17.75 -7.98 2.65
CA LEU B 125 -17.42 -9.17 1.86
C LEU B 125 -18.72 -9.76 1.31
N VAL B 126 -18.87 -9.73 0.00
CA VAL B 126 -20.05 -10.27 -0.67
C VAL B 126 -19.61 -11.11 -1.86
N GLY B 127 -20.41 -12.10 -2.20
CA GLY B 127 -20.15 -12.94 -3.36
C GLY B 127 -19.92 -14.40 -3.04
N GLY B 128 -20.03 -15.26 -4.04
CA GLY B 128 -19.80 -16.66 -3.87
C GLY B 128 -21.06 -17.44 -3.54
N PHE B 129 -20.92 -18.76 -3.54
CA PHE B 129 -22.00 -19.67 -3.20
C PHE B 129 -21.39 -20.98 -2.72
N SER B 130 -22.26 -21.95 -2.42
CA SER B 130 -21.82 -23.26 -1.94
C SER B 130 -21.41 -24.12 -3.14
N ASP B 131 -20.27 -23.78 -3.71
CA ASP B 131 -19.78 -24.48 -4.89
C ASP B 131 -19.20 -25.84 -4.49
N ASP B 132 -19.07 -26.72 -5.49
CA ASP B 132 -18.61 -28.07 -5.24
C ASP B 132 -17.11 -28.11 -4.93
N ARG B 133 -16.33 -27.19 -5.51
CA ARG B 133 -14.89 -27.19 -5.36
C ARG B 133 -14.43 -26.39 -4.13
N GLN B 134 -15.36 -25.91 -3.31
CA GLN B 134 -15.05 -25.14 -2.11
C GLN B 134 -14.21 -23.90 -2.43
N LEU B 135 -14.37 -23.35 -3.63
CA LEU B 135 -13.56 -22.20 -4.04
C LEU B 135 -13.94 -20.96 -3.24
N SER B 136 -15.24 -20.66 -3.14
CA SER B 136 -15.68 -19.52 -2.35
C SER B 136 -15.38 -19.71 -0.87
N GLN B 137 -15.46 -20.95 -0.38
CA GLN B 137 -15.20 -21.20 1.03
C GLN B 137 -13.75 -20.91 1.39
N LYS B 138 -12.81 -21.28 0.52
CA LYS B 138 -11.41 -21.04 0.80
C LYS B 138 -11.05 -19.56 0.65
N LEU B 139 -11.66 -18.87 -0.32
CA LEU B 139 -11.41 -17.45 -0.48
C LEU B 139 -11.88 -16.66 0.73
N THR B 140 -12.99 -17.08 1.33
CA THR B 140 -13.45 -16.44 2.57
C THR B 140 -12.46 -16.68 3.70
N HIS B 141 -11.94 -17.90 3.82
CA HIS B 141 -10.97 -18.19 4.87
C HIS B 141 -9.69 -17.38 4.67
N GLN B 142 -9.25 -17.23 3.41
CA GLN B 142 -8.02 -16.49 3.14
C GLN B 142 -8.20 -15.00 3.41
N LEU B 143 -9.36 -14.45 3.04
CA LEU B 143 -9.58 -13.01 3.21
C LEU B 143 -9.69 -12.64 4.68
N LEU B 144 -10.46 -13.42 5.45
CA LEU B 144 -10.57 -13.13 6.89
C LEU B 144 -9.24 -13.29 7.58
N SER B 145 -8.42 -14.25 7.15
CA SER B 145 -7.12 -14.47 7.78
C SER B 145 -6.17 -13.32 7.49
N GLU B 146 -6.10 -12.89 6.22
CA GLU B 146 -5.20 -11.79 5.87
C GLU B 146 -5.65 -10.47 6.48
N PHE B 147 -6.97 -10.25 6.58
CA PHE B 147 -7.45 -9.03 7.21
C PHE B 147 -7.22 -9.05 8.71
N ASP B 148 -7.33 -10.22 9.35
CA ASP B 148 -7.08 -10.31 10.78
C ASP B 148 -5.60 -10.13 11.10
N ARG B 149 -4.72 -10.47 10.16
CA ARG B 149 -3.29 -10.29 10.39
C ARG B 149 -2.88 -8.83 10.30
N GLN B 150 -3.73 -7.97 9.75
CA GLN B 150 -3.42 -6.56 9.66
C GLN B 150 -3.35 -5.92 11.04
N GLU B 151 -2.63 -4.81 11.14
CA GLU B 151 -2.44 -4.15 12.43
C GLU B 151 -3.61 -3.25 12.79
N ASP B 152 -4.20 -2.58 11.80
CA ASP B 152 -5.31 -1.67 12.07
C ASP B 152 -6.56 -2.45 12.46
N ASP B 153 -7.41 -1.80 13.25
CA ASP B 153 -8.70 -2.37 13.61
C ASP B 153 -9.64 -2.28 12.41
N ILE B 154 -9.99 -3.43 11.85
CA ILE B 154 -10.88 -3.51 10.69
C ILE B 154 -12.19 -4.12 11.15
N HIS B 155 -13.28 -3.37 11.03
CA HIS B 155 -14.58 -3.79 11.53
C HIS B 155 -15.37 -4.44 10.40
N LEU B 156 -15.67 -5.73 10.56
CA LEU B 156 -16.45 -6.46 9.58
C LEU B 156 -17.92 -6.07 9.73
N VAL B 157 -18.45 -5.39 8.71
CA VAL B 157 -19.82 -4.89 8.76
C VAL B 157 -20.76 -5.64 7.84
N THR B 158 -20.26 -6.20 6.73
CA THR B 158 -21.09 -6.96 5.79
C THR B 158 -20.40 -8.28 5.49
N LEU B 159 -21.13 -9.38 5.65
CA LEU B 159 -20.61 -10.72 5.39
C LEU B 159 -21.73 -11.54 4.74
N CYS B 160 -21.73 -11.59 3.42
CA CYS B 160 -22.74 -12.30 2.63
C CYS B 160 -22.02 -13.14 1.58
N VAL B 161 -21.48 -14.29 2.00
CA VAL B 161 -20.67 -15.12 1.13
C VAL B 161 -21.07 -16.58 1.29
N THR B 162 -20.83 -17.36 0.24
CA THR B 162 -20.98 -18.82 0.23
C THR B 162 -22.41 -19.18 0.61
N GLU B 163 -22.65 -19.95 1.67
CA GLU B 163 -24.00 -20.44 1.95
C GLU B 163 -24.97 -19.31 2.24
N LEU B 164 -24.48 -18.19 2.76
CA LEU B 164 -25.35 -17.04 2.98
C LEU B 164 -25.74 -16.36 1.67
N ASN B 165 -25.04 -16.65 0.57
CA ASN B 165 -25.37 -16.14 -0.75
C ASN B 165 -25.75 -17.25 -1.72
N ASP B 166 -26.16 -18.40 -1.18
CA ASP B 166 -26.39 -19.60 -1.99
C ASP B 166 -27.87 -19.73 -2.35
N ARG B 167 -28.12 -20.03 -3.62
CA ARG B 167 -29.45 -20.36 -4.12
C ARG B 167 -29.42 -21.77 -4.67
N GLU B 168 -30.57 -22.45 -4.65
CA GLU B 168 -30.67 -23.83 -5.08
C GLU B 168 -31.83 -24.00 -6.06
N GLU B 169 -31.54 -24.60 -7.21
CA GLU B 169 -32.55 -24.93 -8.20
C GLU B 169 -32.16 -26.23 -8.87
N ASN B 170 -33.09 -27.19 -8.89
CA ASN B 170 -32.84 -28.53 -9.44
C ASN B 170 -31.65 -29.21 -8.75
N GLU B 171 -31.46 -28.92 -7.47
CA GLU B 171 -30.31 -29.39 -6.69
C GLU B 171 -28.98 -29.00 -7.35
N ASN B 172 -29.00 -27.91 -8.11
CA ASN B 172 -27.79 -27.21 -8.49
C ASN B 172 -27.70 -25.94 -7.65
N HIS B 173 -26.49 -25.48 -7.39
CA HIS B 173 -26.26 -24.36 -6.49
C HIS B 173 -25.74 -23.16 -7.28
N PHE B 174 -26.29 -21.99 -6.98
CA PHE B 174 -25.99 -20.75 -7.67
C PHE B 174 -25.87 -19.63 -6.66
N PRO B 175 -25.12 -18.57 -6.98
CA PRO B 175 -25.10 -17.39 -6.11
C PRO B 175 -26.23 -16.43 -6.41
N VAL B 176 -26.72 -15.78 -5.36
CA VAL B 176 -27.83 -14.85 -5.51
C VAL B 176 -27.32 -13.49 -6.00
N ILE B 177 -26.37 -12.91 -5.28
CA ILE B 177 -25.80 -11.62 -5.65
C ILE B 177 -24.59 -11.86 -6.55
N TYR B 178 -24.63 -11.30 -7.75
CA TYR B 178 -23.50 -11.38 -8.68
C TYR B 178 -22.67 -10.11 -8.70
N GLY B 179 -23.26 -8.97 -8.38
CA GLY B 179 -22.53 -7.72 -8.38
C GLY B 179 -23.17 -6.72 -7.45
N ILE B 180 -22.36 -5.77 -6.99
CA ILE B 180 -22.80 -4.73 -6.07
C ILE B 180 -22.16 -3.41 -6.49
N ALA B 181 -22.86 -2.32 -6.18
CA ALA B 181 -22.36 -0.97 -6.40
C ALA B 181 -22.22 -0.26 -5.05
N VAL B 182 -21.32 0.71 -5.01
CA VAL B 182 -21.05 1.47 -3.79
C VAL B 182 -21.10 2.95 -4.13
N ASN B 183 -21.98 3.69 -3.46
CA ASN B 183 -21.98 5.15 -3.56
C ASN B 183 -20.86 5.70 -2.69
N ILE B 184 -19.96 6.47 -3.31
CA ILE B 184 -18.76 6.92 -2.61
C ILE B 184 -19.11 7.89 -1.50
N LYS B 185 -20.10 8.76 -1.73
CA LYS B 185 -20.37 9.82 -0.77
C LYS B 185 -21.28 9.39 0.37
N THR B 186 -22.13 8.38 0.14
CA THR B 186 -23.06 7.91 1.17
C THR B 186 -22.74 6.52 1.67
N ALA B 187 -21.70 5.87 1.14
CA ALA B 187 -21.25 4.55 1.60
C ALA B 187 -22.29 3.45 1.40
N GLU B 188 -23.32 3.72 0.60
CA GLU B 188 -24.40 2.75 0.43
C GLU B 188 -23.98 1.66 -0.56
N ILE B 189 -24.15 0.42 -0.15
CA ILE B 189 -23.85 -0.75 -0.97
C ILE B 189 -25.15 -1.43 -1.35
N TYR B 190 -25.36 -1.64 -2.65
CA TYR B 190 -26.59 -2.24 -3.15
C TYR B 190 -26.30 -3.12 -4.35
N ARG B 191 -27.15 -4.13 -4.54
CA ARG B 191 -27.02 -5.01 -5.70
C ARG B 191 -27.17 -4.20 -6.98
N ALA B 192 -26.36 -4.54 -7.98
CA ALA B 192 -26.35 -3.74 -9.20
C ALA B 192 -25.91 -4.58 -10.38
N SER B 193 -26.44 -4.23 -11.55
CA SER B 193 -25.96 -4.71 -12.84
C SER B 193 -25.49 -3.51 -13.65
N PHE B 194 -24.52 -3.75 -14.53
CA PHE B 194 -23.84 -2.67 -15.24
C PHE B 194 -23.89 -2.95 -16.73
N GLN B 195 -24.68 -2.15 -17.47
CA GLN B 195 -24.78 -2.33 -18.91
C GLN B 195 -23.48 -1.94 -19.61
N ASP B 196 -22.94 -0.78 -19.28
CA ASP B 196 -21.68 -0.30 -19.84
C ASP B 196 -20.57 -0.50 -18.82
N ARG B 197 -19.50 -1.15 -19.24
CA ARG B 197 -18.41 -1.53 -18.34
C ARG B 197 -17.10 -0.85 -18.72
N GLY B 198 -17.18 0.41 -19.12
CA GLY B 198 -16.00 1.23 -19.32
C GLY B 198 -15.17 0.83 -20.53
N PRO B 199 -13.98 1.43 -20.63
CA PRO B 199 -13.14 1.21 -21.81
C PRO B 199 -12.25 -0.03 -21.69
N GLU B 200 -11.82 -0.51 -22.86
CA GLU B 200 -10.87 -1.62 -22.97
C GLU B 200 -11.37 -2.85 -22.21
N GLU B 201 -12.64 -3.18 -22.41
CA GLU B 201 -13.24 -4.31 -21.71
C GLU B 201 -12.58 -5.63 -22.10
N GLN B 202 -12.33 -5.83 -23.40
CA GLN B 202 -11.73 -7.09 -23.85
C GLN B 202 -10.26 -7.16 -23.50
N LEU B 203 -9.55 -6.03 -23.59
CA LEU B 203 -8.13 -6.01 -23.24
C LEU B 203 -7.93 -6.31 -21.76
N ARG B 204 -8.73 -5.67 -20.89
CA ARG B 204 -8.63 -5.92 -19.47
C ARG B 204 -9.07 -7.34 -19.12
N ALA B 205 -10.07 -7.86 -19.83
CA ALA B 205 -10.49 -9.25 -19.60
C ALA B 205 -9.47 -10.23 -20.16
N ALA B 206 -8.77 -9.87 -21.23
CA ALA B 206 -7.72 -10.73 -21.76
C ALA B 206 -6.54 -10.81 -20.81
N ARG B 207 -6.18 -9.67 -20.21
CA ARG B 207 -5.08 -9.65 -19.24
C ARG B 207 -5.37 -10.56 -18.05
N THR B 208 -6.63 -10.65 -17.64
CA THR B 208 -6.99 -11.52 -16.53
C THR B 208 -6.95 -12.99 -16.94
N LEU B 209 -7.55 -13.31 -18.08
CA LEU B 209 -7.55 -14.70 -18.54
C LEU B 209 -6.16 -15.20 -18.86
N ALA B 210 -5.27 -14.31 -19.29
CA ALA B 210 -3.90 -14.70 -19.59
C ALA B 210 -3.06 -14.97 -18.34
N GLY B 211 -3.53 -14.57 -17.18
CA GLY B 211 -2.84 -14.82 -15.93
C GLY B 211 -2.23 -13.61 -15.24
N GLY B 212 -2.71 -12.40 -15.53
CA GLY B 212 -2.18 -11.22 -14.89
C GLY B 212 -2.55 -11.15 -13.43
N PRO B 213 -1.74 -10.43 -12.65
CA PRO B 213 -2.02 -10.29 -11.21
C PRO B 213 -3.04 -9.19 -10.96
N MET B 214 -3.43 -9.05 -9.70
CA MET B 214 -4.35 -7.99 -9.31
C MET B 214 -3.69 -6.64 -9.51
N ILE B 215 -4.43 -5.70 -10.12
CA ILE B 215 -3.89 -4.41 -10.49
C ILE B 215 -4.82 -3.30 -9.99
N SER B 216 -4.24 -2.12 -9.81
CA SER B 216 -4.99 -0.91 -9.48
C SER B 216 -5.19 -0.11 -10.76
N ILE B 217 -6.45 0.12 -11.13
CA ILE B 217 -6.78 0.70 -12.42
C ILE B 217 -7.06 2.19 -12.38
N TYR B 218 -7.14 2.79 -11.20
CA TYR B 218 -7.57 4.18 -11.06
C TYR B 218 -6.52 4.98 -10.30
N ASP B 219 -6.35 6.23 -10.73
CA ASP B 219 -5.46 7.20 -10.07
C ASP B 219 -6.35 8.30 -9.52
N ALA B 220 -6.62 8.24 -8.21
CA ALA B 220 -7.56 9.16 -7.59
C ALA B 220 -7.06 10.60 -7.54
N GLU B 221 -5.73 10.80 -7.56
CA GLU B 221 -5.19 12.15 -7.47
C GLU B 221 -5.49 12.94 -8.75
N THR B 222 -5.09 12.41 -9.90
CA THR B 222 -5.37 13.04 -11.18
C THR B 222 -6.73 12.67 -11.74
N GLU B 223 -7.44 11.74 -11.09
CA GLU B 223 -8.76 11.28 -11.54
C GLU B 223 -8.70 10.74 -12.96
N GLN B 224 -7.70 9.89 -13.21
CA GLN B 224 -7.47 9.29 -14.52
C GLN B 224 -7.51 7.78 -14.42
N LEU B 225 -8.22 7.15 -15.34
CA LEU B 225 -8.23 5.70 -15.45
C LEU B 225 -6.99 5.25 -16.23
N ARG B 226 -6.18 4.39 -15.63
CA ARG B 226 -4.92 3.95 -16.21
C ARG B 226 -5.03 2.48 -16.59
N ILE B 227 -5.01 2.21 -17.90
CA ILE B 227 -5.10 0.85 -18.42
C ILE B 227 -3.79 0.55 -19.14
N GLY B 228 -3.00 -0.37 -18.58
CA GLY B 228 -1.76 -0.77 -19.19
C GLY B 228 -0.57 -0.04 -18.59
N PRO B 229 0.64 -0.32 -19.10
CA PRO B 229 0.86 -1.32 -20.17
C PRO B 229 0.87 -2.75 -19.64
N TYR B 230 0.25 -3.66 -20.39
CA TYR B 230 0.16 -5.06 -20.02
C TYR B 230 1.05 -5.90 -20.93
N SER B 231 1.32 -7.13 -20.47
CA SER B 231 2.13 -8.07 -21.23
C SER B 231 1.88 -9.46 -20.67
N TRP B 232 1.81 -10.46 -21.54
CA TRP B 232 1.54 -11.82 -21.11
C TRP B 232 2.10 -12.81 -22.12
N THR B 233 2.38 -14.01 -21.62
CA THR B 233 2.74 -15.12 -22.49
C THR B 233 1.54 -15.51 -23.35
N PRO B 234 1.76 -15.87 -24.62
CA PRO B 234 0.65 -16.34 -25.46
C PRO B 234 -0.16 -17.43 -24.75
N PHE B 235 -1.48 -17.32 -24.86
CA PHE B 235 -2.37 -18.24 -24.18
C PHE B 235 -2.18 -19.66 -24.73
N PRO B 236 -2.23 -20.68 -23.89
CA PRO B 236 -2.03 -22.06 -24.36
C PRO B 236 -3.26 -22.57 -25.10
N HIS B 237 -3.07 -22.99 -26.36
CA HIS B 237 -4.10 -23.62 -27.17
C HIS B 237 -5.34 -22.72 -27.32
N VAL B 238 -5.10 -21.51 -27.84
CA VAL B 238 -6.19 -20.56 -28.02
C VAL B 238 -7.19 -21.08 -29.05
N ASP B 239 -6.68 -21.55 -30.20
CA ASP B 239 -7.55 -22.02 -31.27
C ASP B 239 -8.31 -23.27 -30.86
N PHE B 240 -7.66 -24.16 -30.11
CA PHE B 240 -8.34 -25.36 -29.64
C PHE B 240 -9.55 -25.02 -28.80
N TRP B 241 -9.37 -24.15 -27.79
CA TRP B 241 -10.47 -23.78 -26.93
C TRP B 241 -11.55 -22.99 -27.68
N LEU B 242 -11.15 -22.24 -28.71
CA LEU B 242 -12.13 -21.52 -29.51
C LEU B 242 -12.99 -22.47 -30.34
N HIS B 243 -12.44 -23.62 -30.72
CA HIS B 243 -13.18 -24.62 -31.49
C HIS B 243 -13.98 -25.58 -30.62
N GLN B 244 -13.82 -25.52 -29.31
CA GLN B 244 -14.63 -26.34 -28.41
C GLN B 244 -16.03 -25.75 -28.29
N ASP B 245 -16.97 -26.60 -27.90
CA ASP B 245 -18.34 -26.14 -27.70
C ASP B 245 -18.46 -25.46 -26.34
N ASP B 246 -19.60 -24.79 -26.13
CA ASP B 246 -19.80 -24.02 -24.92
C ASP B 246 -19.88 -24.91 -23.68
N LYS B 247 -20.27 -26.17 -23.84
CA LYS B 247 -20.34 -27.07 -22.69
C LYS B 247 -18.94 -27.39 -22.17
N GLN B 248 -17.96 -27.58 -23.06
CA GLN B 248 -16.60 -27.84 -22.62
C GLN B 248 -15.86 -26.58 -22.24
N ILE B 249 -16.24 -25.44 -22.80
CA ILE B 249 -15.66 -24.16 -22.37
C ILE B 249 -16.06 -23.86 -20.93
N LEU B 250 -17.28 -24.21 -20.55
CA LEU B 250 -17.75 -23.97 -19.18
C LEU B 250 -16.92 -24.75 -18.16
N GLU B 251 -16.83 -26.06 -18.35
CA GLU B 251 -16.26 -26.92 -17.33
C GLU B 251 -14.76 -26.70 -17.14
N ASN B 252 -14.06 -26.20 -18.16
CA ASN B 252 -12.61 -26.07 -18.11
C ASN B 252 -12.13 -24.63 -17.97
N LEU B 253 -12.77 -23.67 -18.64
CA LEU B 253 -12.34 -22.29 -18.61
C LEU B 253 -13.11 -21.46 -17.58
N SER B 254 -13.84 -22.10 -16.66
CA SER B 254 -14.61 -21.38 -15.67
C SER B 254 -14.47 -22.06 -14.31
N THR B 255 -14.68 -21.26 -13.27
CA THR B 255 -14.67 -21.77 -11.91
C THR B 255 -15.95 -22.53 -11.57
N SER B 256 -17.07 -22.08 -12.11
CA SER B 256 -18.38 -22.70 -11.84
C SER B 256 -19.13 -22.84 -13.16
N PRO B 257 -19.10 -24.00 -13.79
CA PRO B 257 -19.79 -24.18 -15.08
C PRO B 257 -21.28 -23.92 -14.99
N LEU B 258 -21.98 -24.67 -14.13
CA LEU B 258 -23.44 -24.65 -14.09
C LEU B 258 -24.01 -23.47 -13.33
N ALA B 259 -23.19 -22.65 -12.68
CA ALA B 259 -23.68 -21.51 -11.92
C ALA B 259 -23.20 -20.17 -12.48
N GLU B 260 -22.63 -20.16 -13.68
CA GLU B 260 -22.09 -18.95 -14.29
C GLU B 260 -23.21 -18.11 -14.90
N PRO B 261 -23.06 -16.78 -14.90
CA PRO B 261 -24.10 -15.92 -15.49
C PRO B 261 -24.27 -16.21 -16.97
N PRO B 262 -25.41 -15.83 -17.55
CA PRO B 262 -25.58 -15.97 -18.99
C PRO B 262 -24.59 -15.09 -19.75
N HIS B 263 -24.39 -15.44 -21.03
CA HIS B 263 -23.48 -14.72 -21.93
C HIS B 263 -22.03 -14.76 -21.42
N PHE B 264 -21.73 -15.70 -20.53
CA PHE B 264 -20.35 -15.90 -20.11
C PHE B 264 -19.54 -16.57 -21.21
N VAL B 265 -20.17 -17.45 -22.00
CA VAL B 265 -19.45 -18.15 -23.06
C VAL B 265 -19.04 -17.19 -24.17
N GLU B 266 -20.03 -16.51 -24.77
CA GLU B 266 -19.75 -15.65 -25.91
C GLU B 266 -18.76 -14.55 -25.56
N HIS B 267 -18.62 -14.22 -24.28
CA HIS B 267 -17.57 -13.31 -23.86
C HIS B 267 -16.22 -14.00 -23.74
N ILE B 268 -16.21 -15.29 -23.38
CA ILE B 268 -14.96 -16.04 -23.35
C ILE B 268 -14.37 -16.12 -24.76
N ARG B 269 -15.19 -16.48 -25.74
CA ARG B 269 -14.72 -16.54 -27.12
C ARG B 269 -14.22 -15.18 -27.58
N SER B 270 -14.90 -14.10 -27.19
CA SER B 270 -14.41 -12.77 -27.50
C SER B 270 -13.10 -12.47 -26.78
N THR B 271 -12.92 -13.03 -25.58
CA THR B 271 -11.65 -12.88 -24.88
C THR B 271 -10.57 -13.77 -25.48
N LEU B 272 -10.94 -14.99 -25.88
CA LEU B 272 -9.98 -15.88 -26.52
C LEU B 272 -9.57 -15.34 -27.89
N MET B 273 -10.53 -14.79 -28.65
CA MET B 273 -10.20 -14.22 -29.95
C MET B 273 -9.26 -13.02 -29.81
N PHE B 274 -9.35 -12.28 -28.70
CA PHE B 274 -8.44 -11.16 -28.48
C PHE B 274 -7.03 -11.64 -28.20
N LEU B 275 -6.90 -12.70 -27.39
CA LEU B 275 -5.57 -13.24 -27.10
C LEU B 275 -4.91 -13.79 -28.36
N LYS B 276 -5.70 -14.31 -29.29
CA LYS B 276 -5.14 -14.79 -30.55
C LYS B 276 -4.54 -13.65 -31.36
N LYS B 277 -5.30 -12.56 -31.51
CA LYS B 277 -4.83 -11.45 -32.35
C LYS B 277 -3.62 -10.76 -31.74
N HIS B 278 -3.46 -10.84 -30.43
CA HIS B 278 -2.33 -10.20 -29.73
C HIS B 278 -1.74 -11.21 -28.74
N PRO B 279 -0.97 -12.18 -29.23
CA PRO B 279 -0.31 -13.12 -28.32
C PRO B 279 0.75 -12.45 -27.45
N SER B 280 1.33 -11.34 -27.89
CA SER B 280 2.30 -10.58 -27.12
C SER B 280 1.91 -9.11 -27.18
N PRO B 281 1.09 -8.65 -26.23
CA PRO B 281 0.58 -7.28 -26.29
C PRO B 281 1.54 -6.23 -25.76
N ALA B 282 2.75 -6.62 -25.36
CA ALA B 282 3.66 -5.69 -24.70
C ALA B 282 3.99 -4.50 -25.58
N HIS B 283 4.36 -4.77 -26.84
CA HIS B 283 4.85 -3.72 -27.73
C HIS B 283 3.83 -3.29 -28.78
N THR B 284 2.80 -4.09 -29.06
CA THR B 284 1.90 -3.77 -30.15
C THR B 284 0.82 -2.76 -29.74
N LEU B 285 0.35 -2.84 -28.49
CA LEU B 285 -0.81 -2.06 -28.07
C LEU B 285 -0.46 -0.77 -27.34
N PHE B 286 0.76 -0.63 -26.85
CA PHE B 286 1.15 0.52 -26.03
C PHE B 286 2.31 1.25 -26.69
N SER B 287 2.05 2.45 -27.20
CA SER B 287 3.08 3.23 -27.86
C SER B 287 4.04 3.81 -26.82
N GLY B 288 5.31 3.41 -26.90
CA GLY B 288 6.30 3.89 -25.94
C GLY B 288 6.13 3.35 -24.54
N ASN B 289 5.49 2.19 -24.39
CA ASN B 289 5.25 1.57 -23.08
C ASN B 289 4.48 2.50 -22.16
N LYS B 290 3.50 3.21 -22.72
CA LYS B 290 2.69 4.16 -21.98
C LYS B 290 1.30 3.59 -21.72
N ALA B 291 0.67 4.08 -20.67
CA ALA B 291 -0.65 3.62 -20.26
C ALA B 291 -1.74 4.36 -21.02
N LEU B 292 -2.90 3.70 -21.16
CA LEU B 292 -4.07 4.33 -21.75
C LEU B 292 -4.77 5.15 -20.69
N LEU B 293 -4.80 6.46 -20.87
CA LEU B 293 -5.35 7.39 -19.88
C LEU B 293 -6.76 7.82 -20.27
N TYR B 294 -7.64 7.90 -19.27
CA TYR B 294 -9.03 8.28 -19.47
C TYR B 294 -9.46 9.23 -18.36
N LYS B 295 -10.47 10.04 -18.64
CA LYS B 295 -11.07 10.92 -17.65
C LYS B 295 -12.58 10.96 -17.82
N LYS B 296 -13.25 11.57 -16.85
CA LYS B 296 -14.69 11.78 -16.91
C LYS B 296 -14.98 13.12 -17.59
N ASN B 297 -15.89 13.08 -18.56
CA ASN B 297 -16.22 14.29 -19.32
C ASN B 297 -17.31 15.08 -18.58
N GLU B 298 -17.90 16.06 -19.27
CA GLU B 298 -19.00 16.82 -18.68
C GLU B 298 -20.15 15.91 -18.29
N ASP B 299 -20.43 14.89 -19.10
CA ASP B 299 -21.51 13.96 -18.87
C ASP B 299 -21.07 12.72 -18.11
N GLY B 300 -19.99 12.82 -17.33
CA GLY B 300 -19.55 11.70 -16.52
C GLY B 300 -19.21 10.44 -17.28
N LEU B 301 -18.64 10.57 -18.46
CA LEU B 301 -18.29 9.42 -19.29
C LEU B 301 -16.79 9.41 -19.54
N TRP B 302 -16.23 8.21 -19.66
CA TRP B 302 -14.80 8.05 -19.91
C TRP B 302 -14.46 8.52 -21.30
N GLU B 303 -13.54 9.48 -21.41
CA GLU B 303 -12.98 9.90 -22.68
C GLU B 303 -11.46 9.69 -22.64
N LYS B 304 -10.92 9.13 -23.72
CA LYS B 304 -9.48 8.91 -23.80
C LYS B 304 -8.76 10.25 -23.76
N ILE B 305 -7.69 10.35 -22.97
CA ILE B 305 -7.11 11.64 -22.65
C ILE B 305 -6.31 12.19 -23.82
N SER B 306 -5.38 11.39 -24.33
CA SER B 306 -4.33 11.80 -25.27
C SER B 306 -4.64 13.03 -26.11
N ASN C 1 16.95 14.49 16.17
CA ASN C 1 15.64 14.31 15.53
C ASN C 1 14.59 15.19 16.20
N PHE C 2 13.45 15.35 15.53
CA PHE C 2 12.34 16.10 16.10
C PHE C 2 11.79 15.36 17.32
N ALA C 3 11.64 16.08 18.43
CA ALA C 3 11.10 15.51 19.66
C ALA C 3 9.58 15.50 19.58
N ALA C 4 8.94 15.19 20.71
CA ALA C 4 7.48 15.06 20.79
C ALA C 4 6.76 16.32 20.32
N ASN D 1 -16.38 -17.18 -12.82
CA ASN D 1 -15.24 -16.33 -13.13
C ASN D 1 -14.20 -17.08 -13.94
N PHE D 2 -13.19 -16.36 -14.41
CA PHE D 2 -12.11 -16.98 -15.17
C PHE D 2 -11.33 -17.96 -14.29
N ALA D 3 -11.16 -19.18 -14.77
CA ALA D 3 -10.36 -20.16 -14.06
C ALA D 3 -8.88 -19.86 -14.23
N ALA D 4 -8.10 -20.22 -13.22
CA ALA D 4 -6.66 -19.98 -13.24
C ALA D 4 -5.94 -21.02 -14.11
C1 GOL E . 1.56 -6.39 7.74
O1 GOL E . 1.57 -6.69 9.13
C2 GOL E . 1.38 -7.67 6.96
O2 GOL E . 2.65 -8.30 6.82
C3 GOL E . 0.44 -8.60 7.70
O3 GOL E . 0.34 -9.83 7.01
C1 GOL F . 6.01 -2.52 19.93
O1 GOL F . 7.27 -3.06 19.64
C2 GOL F . 6.14 -1.02 20.18
O2 GOL F . 7.04 -0.47 19.25
C3 GOL F . 4.79 -0.34 20.03
O3 GOL F . 4.98 1.01 19.66
C1 GOL G . 14.19 22.31 -3.01
O1 GOL G . 14.26 22.42 -4.42
C2 GOL G . 15.40 21.54 -2.51
O2 GOL G . 16.56 22.04 -3.12
C3 GOL G . 15.52 21.72 -1.00
O3 GOL G . 14.24 21.90 -0.44
C1 GOL H . 19.99 20.15 8.92
O1 GOL H . 21.02 19.44 8.27
C2 GOL H . 19.26 21.02 7.91
O2 GOL H . 17.87 20.81 8.03
C3 GOL H . 19.57 22.49 8.18
O3 GOL H . 18.76 23.31 7.36
C1 GOL I . 14.66 14.88 8.28
O1 GOL I . 15.11 13.62 8.71
C2 GOL I . 15.81 15.63 7.63
O2 GOL I . 16.30 16.59 8.52
C3 GOL I . 15.33 16.32 6.35
O3 GOL I . 14.62 17.49 6.68
C1 GOL J . -0.65 0.94 18.73
O1 GOL J . 0.56 1.30 19.38
C2 GOL J . -0.78 1.72 17.43
O2 GOL J . -1.08 0.84 16.37
C3 GOL J . -1.90 2.76 17.57
O3 GOL J . -2.01 3.48 16.37
C1 GOL K . 36.21 0.32 13.77
O1 GOL K . 37.48 0.64 14.33
C2 GOL K . 36.36 -0.71 12.67
O2 GOL K . 35.39 -1.73 12.82
C3 GOL K . 37.75 -1.33 12.74
O3 GOL K . 37.70 -2.66 12.26
C1 GOL L . 20.59 -9.01 -5.27
O1 GOL L . 19.42 -8.35 -5.68
C2 GOL L . 20.25 -10.42 -4.80
O2 GOL L . 19.31 -11.00 -5.68
C3 GOL L . 21.52 -11.26 -4.78
O3 GOL L . 22.32 -10.95 -5.90
C1 GOL M . 23.44 -15.64 20.53
O1 GOL M . 22.41 -16.07 21.40
C2 GOL M . 22.99 -15.76 19.08
O2 GOL M . 23.38 -14.61 18.37
C3 GOL M . 21.48 -15.91 19.03
O3 GOL M . 21.05 -15.88 17.68
P PO4 N . 17.31 -4.85 25.06
O1 PO4 N . 16.61 -5.79 24.11
O2 PO4 N . 17.42 -3.48 24.43
O3 PO4 N . 18.70 -5.38 25.35
O4 PO4 N . 16.53 -4.75 26.34
P PO4 O . 12.80 -17.89 3.03
O1 PO4 O . 11.34 -17.55 2.86
O2 PO4 O . 13.35 -18.43 1.73
O3 PO4 O . 13.56 -16.64 3.40
O4 PO4 O . 12.96 -18.92 4.11
P PO4 P . 23.28 -14.28 6.03
O1 PO4 P . 22.97 -15.75 5.95
O2 PO4 P . 22.99 -13.77 7.43
O3 PO4 P . 22.43 -13.52 5.04
O4 PO4 P . 24.75 -14.05 5.72
P PO4 Q . 21.01 -1.98 20.99
O1 PO4 Q . 20.00 -3.09 21.15
O2 PO4 Q . 20.46 -0.96 20.02
O3 PO4 Q . 21.26 -1.33 22.32
O4 PO4 Q . 22.30 -2.55 20.45
P PO4 R . 14.30 19.17 -7.07
O1 PO4 R . 14.69 17.75 -7.44
O2 PO4 R . 13.39 19.15 -5.86
O3 PO4 R . 13.58 19.81 -8.23
O4 PO4 R . 15.54 19.96 -6.75
C1 GOL S . -15.68 -8.57 -15.41
O1 GOL S . -16.81 -7.76 -15.61
C2 GOL S . -16.10 -9.90 -14.79
O2 GOL S . -15.44 -10.95 -15.45
C3 GOL S . -15.74 -9.90 -13.31
O3 GOL S . -16.06 -11.15 -12.75
C1 GOL T . -16.08 -11.16 -19.39
O1 GOL T . -15.84 -12.54 -19.49
C2 GOL T . -15.37 -10.42 -20.53
O2 GOL T . -15.07 -11.34 -21.56
C3 GOL T . -16.26 -9.32 -21.07
O3 GOL T . -15.58 -8.63 -22.11
C1 GOL U . -12.06 -22.56 7.38
O1 GOL U . -11.86 -21.33 8.04
C2 GOL U . -13.10 -22.37 6.28
O2 GOL U . -12.85 -23.28 5.24
C3 GOL U . -14.49 -22.62 6.87
O3 GOL U . -15.45 -22.51 5.83
C1 GOL V . -13.39 0.70 -26.49
O1 GOL V . -12.00 0.67 -26.27
C2 GOL V . -14.11 0.43 -25.18
O2 GOL V . -15.15 1.37 -25.00
C3 GOL V . -14.70 -0.98 -25.18
O3 GOL V . -15.26 -1.26 -23.91
P PO4 W . -20.84 -2.97 14.30
O1 PO4 W . -22.35 -2.92 14.22
O2 PO4 W . -20.26 -1.95 13.34
O3 PO4 W . -20.36 -4.34 13.93
O4 PO4 W . -20.41 -2.63 15.71
P PO4 X . -17.61 -19.92 4.30
O1 PO4 X . -17.43 -21.41 4.18
O2 PO4 X . -17.28 -19.27 2.98
O3 PO4 X . -16.71 -19.37 5.37
O4 PO4 X . -19.05 -19.62 4.65
P PO4 Y . -18.08 -1.64 17.66
O1 PO4 Y . -19.05 -2.65 18.23
O2 PO4 Y . -18.76 -0.28 17.57
O3 PO4 Y . -16.88 -1.54 18.57
O4 PO4 Y . -17.64 -2.06 16.29
#